data_4OC1
#
_entry.id   4OC1
#
_cell.length_a   101.396
_cell.length_b   130.353
_cell.length_c   158.944
_cell.angle_alpha   90.00
_cell.angle_beta   90.00
_cell.angle_gamma   90.00
#
_symmetry.space_group_name_H-M   'I 2 2 2'
#
loop_
_entity.id
_entity.type
_entity.pdbx_description
1 polymer 'Glutamate carboxypeptidase 2'
2 branched 2-acetamido-2-deoxy-beta-D-glucopyranose-(1-4)-2-acetamido-2-deoxy-beta-D-glucopyranose
3 branched alpha-D-mannopyranose-(1-3)-beta-D-mannopyranose-(1-4)-2-acetamido-2-deoxy-beta-D-glucopyranose-(1-4)-2-acetamido-2-deoxy-beta-D-glucopyranose
4 non-polymer 2-acetamido-2-deoxy-beta-D-glucopyranose
5 non-polymer 'ZINC ION'
6 non-polymer 'CALCIUM ION'
7 non-polymer 'CHLORIDE ION'
8 non-polymer '(2S)-2-[({(1S)-1-carboxy-2-[(2S)-oxiran-2-yl]ethyl}carbamoyl)amino]-6-[(4-iodobenzoyl)amino]hexanoic acid (non-preferred name)'
9 water water
#
_entity_poly.entity_id   1
_entity_poly.type   'polypeptide(L)'
_entity_poly.pdbx_seq_one_letter_code
;RSKSSNEATNITPKHNMKAFLDELKAENIKKFLYNFTQIPHLAGTEQNFQLAKQIQSQWKEFGLDSVELAHYDVLLSYPN
KTHPNYISIINEDGNEIFNTSLFEPPPPGYENVSDIVPPFSAFSPQGMPEGDLVYVNYARTEDFFKLERDMKINCSGKIV
IARYGKVFRGNKVKNAQLAGAKGVILYSDPADYFAPGVKSYPDGWNLPGGGVQRGNILNLNGAGDPLTPGYPANEYAYRR
GIAEAVGLPSIPVHPIGYYDAQKLLEKMGGSAPPDSSWRGSLKVPYNVGPGFTGNFSTQKVKMHIHSTNEVTRIYNVIGT
LRGAVEPDRYVILGGHRDSWVFGGIDPQSGAAVVHEIVRSFGTLKKEGWRPRRTILFASWDAEEFGLLGSTEWAEENSRL
LQERGVAYINADSSIEGNYTLRVDCTPLMYSLVHNLTKELKSPDEGFEGKSLYESWTKKSPSPEFSGMPRISKLGSGNDF
EVFFQRLGIASGRARYTKNWETNKFSGYPLYHSVYETYELVEKFYDPMFKYHLTVAQVRGGMVFELANSIVLPFDCRDYA
VVLRKYADKIYSISMKHPQEMKTYSVSFDSLFSAVKNFTEIASKFSERLQDFDKSNPIVLRMMNDQLMFLERAFIDPLGL
PDRPFYRHVIYAPSSHNKYAGESFPGIYDALFDIESKVDPSKAWGEVKRQIYVAAFTVQAAAETLSEVA
;
_entity_poly.pdbx_strand_id   A
#
loop_
_chem_comp.id
_chem_comp.type
_chem_comp.name
_chem_comp.formula
2QS non-polymer '(2S)-2-[({(1S)-1-carboxy-2-[(2S)-oxiran-2-yl]ethyl}carbamoyl)amino]-6-[(4-iodobenzoyl)amino]hexanoic acid (non-preferred name)' 'C19 H24 I N3 O7'
BMA D-saccharide, beta linking beta-D-mannopyranose 'C6 H12 O6'
CA non-polymer 'CALCIUM ION' 'Ca 2'
CL non-polymer 'CHLORIDE ION' 'Cl -1'
MAN D-saccharide, alpha linking alpha-D-mannopyranose 'C6 H12 O6'
NAG D-saccharide, beta linking 2-acetamido-2-deoxy-beta-D-glucopyranose 'C8 H15 N O6'
ZN non-polymer 'ZINC ION' 'Zn 2'
#
# COMPACT_ATOMS: atom_id res chain seq x y z
N LYS A 14 18.13 -7.18 -32.62
CA LYS A 14 18.22 -7.98 -31.37
C LYS A 14 16.96 -7.84 -30.52
N HIS A 15 16.67 -8.91 -29.77
CA HIS A 15 15.62 -8.86 -28.78
C HIS A 15 16.31 -8.76 -27.42
N ASN A 16 16.46 -7.54 -26.94
CA ASN A 16 17.15 -7.27 -25.68
C ASN A 16 16.35 -6.23 -24.94
N MET A 17 16.88 -5.73 -23.83
CA MET A 17 16.03 -4.84 -23.06
C MET A 17 15.77 -3.54 -23.83
N LYS A 18 16.74 -3.08 -24.59
CA LYS A 18 16.53 -1.85 -25.31
C LYS A 18 15.37 -1.99 -26.32
N ALA A 19 15.26 -3.14 -26.98
CA ALA A 19 14.15 -3.39 -27.90
C ALA A 19 12.81 -3.29 -27.17
N PHE A 20 12.75 -3.97 -26.03
CA PHE A 20 11.54 -3.93 -25.19
C PHE A 20 11.17 -2.49 -24.81
N LEU A 21 12.14 -1.76 -24.28
CA LEU A 21 11.90 -0.41 -23.82
C LEU A 21 11.51 0.55 -24.94
N ASP A 22 12.14 0.43 -26.10
CA ASP A 22 11.83 1.34 -27.22
C ASP A 22 10.44 1.12 -27.78
N GLU A 23 9.88 -0.07 -27.61
CA GLU A 23 8.56 -0.34 -28.13
C GLU A 23 7.47 0.37 -27.30
N LEU A 24 7.75 0.64 -26.01
CA LEU A 24 6.81 1.42 -25.17
C LEU A 24 6.56 2.83 -25.70
N LYS A 25 5.30 3.25 -25.77
CA LYS A 25 4.96 4.57 -26.32
C LYS A 25 4.04 5.35 -25.38
N ALA A 26 4.41 6.58 -25.08
CA ALA A 26 3.57 7.50 -24.31
C ALA A 26 2.15 7.59 -24.88
N GLU A 27 2.06 7.62 -26.22
CA GLU A 27 0.76 7.79 -26.90
C GLU A 27 -0.19 6.65 -26.64
N ASN A 28 0.37 5.43 -26.53
CA ASN A 28 -0.46 4.26 -26.23
C ASN A 28 -0.96 4.29 -24.81
N ILE A 29 -0.07 4.66 -23.89
CA ILE A 29 -0.47 4.82 -22.48
C ILE A 29 -1.61 5.84 -22.35
N LYS A 30 -1.50 6.97 -23.06
CA LYS A 30 -2.56 7.99 -23.03
C LYS A 30 -3.88 7.40 -23.55
N LYS A 31 -3.83 6.70 -24.68
CA LYS A 31 -5.03 6.10 -25.25
C LYS A 31 -5.69 5.08 -24.29
N PHE A 32 -4.85 4.28 -23.65
CA PHE A 32 -5.39 3.28 -22.70
C PHE A 32 -6.00 3.97 -21.48
N LEU A 33 -5.35 5.01 -20.96
CA LEU A 33 -5.88 5.69 -19.79
C LEU A 33 -7.24 6.26 -20.10
N TYR A 34 -7.37 6.91 -21.27
CA TYR A 34 -8.67 7.44 -21.65
C TYR A 34 -9.72 6.32 -21.69
N ASN A 35 -9.37 5.20 -22.29
CA ASN A 35 -10.28 4.07 -22.45
C ASN A 35 -10.72 3.45 -21.12
N PHE A 36 -9.84 3.51 -20.13
CA PHE A 36 -10.13 2.92 -18.81
C PHE A 36 -10.85 3.82 -17.82
N THR A 37 -11.11 5.12 -18.14
CA THR A 37 -11.57 6.02 -17.15
C THR A 37 -12.86 6.78 -17.54
N GLN A 38 -13.59 6.26 -18.53
CA GLN A 38 -14.82 6.95 -18.99
C GLN A 38 -16.03 6.68 -18.11
N ILE A 39 -16.03 5.53 -17.44
CA ILE A 39 -17.15 5.15 -16.52
C ILE A 39 -16.57 4.61 -15.22
N PRO A 40 -17.38 4.57 -14.13
CA PRO A 40 -16.79 3.99 -12.90
C PRO A 40 -16.52 2.52 -13.06
N HIS A 41 -15.51 2.02 -12.35
CA HIS A 41 -15.26 0.57 -12.33
C HIS A 41 -15.17 0.03 -10.89
N LEU A 42 -16.20 0.27 -10.11
CA LEU A 42 -16.23 -0.17 -8.72
C LEU A 42 -16.23 -1.68 -8.60
N ALA A 43 -15.43 -2.20 -7.67
CA ALA A 43 -15.38 -3.67 -7.47
C ALA A 43 -16.77 -4.22 -7.29
N GLY A 44 -17.01 -5.36 -7.94
CA GLY A 44 -18.27 -6.10 -7.79
C GLY A 44 -19.39 -5.60 -8.68
N THR A 45 -19.12 -4.58 -9.48
CA THR A 45 -20.15 -4.05 -10.38
C THR A 45 -20.01 -4.63 -11.79
N GLU A 46 -21.11 -4.57 -12.55
CA GLU A 46 -21.08 -5.07 -13.92
C GLU A 46 -20.03 -4.37 -14.81
N GLN A 47 -19.89 -3.05 -14.64
CA GLN A 47 -18.91 -2.28 -15.41
C GLN A 47 -17.49 -2.78 -15.23
N ASN A 48 -17.17 -3.19 -14.00
CA ASN A 48 -15.81 -3.66 -13.73
C ASN A 48 -15.60 -5.08 -14.31
N PHE A 49 -16.66 -5.89 -14.33
CA PHE A 49 -16.58 -7.20 -14.99
C PHE A 49 -16.42 -7.02 -16.50
N GLN A 50 -17.16 -6.06 -17.07
CA GLN A 50 -16.95 -5.79 -18.50
C GLN A 50 -15.52 -5.36 -18.84
N LEU A 51 -14.93 -4.50 -18.01
CA LEU A 51 -13.53 -4.11 -18.23
C LEU A 51 -12.62 -5.31 -18.11
N ALA A 52 -12.87 -6.17 -17.11
CA ALA A 52 -12.06 -7.41 -17.01
C ALA A 52 -12.08 -8.23 -18.30
N LYS A 53 -13.25 -8.38 -18.87
CA LYS A 53 -13.40 -9.14 -20.12
CA LYS A 53 -13.38 -9.15 -20.11
C LYS A 53 -12.67 -8.47 -21.29
N GLN A 54 -12.70 -7.14 -21.30
CA GLN A 54 -11.99 -6.37 -22.35
C GLN A 54 -10.49 -6.59 -22.24
N ILE A 55 -9.96 -6.47 -21.02
CA ILE A 55 -8.53 -6.65 -20.81
C ILE A 55 -8.11 -8.05 -21.16
N GLN A 56 -8.92 -9.03 -20.77
CA GLN A 56 -8.61 -10.41 -21.09
C GLN A 56 -8.50 -10.57 -22.61
N SER A 57 -9.48 -10.02 -23.33
CA SER A 57 -9.47 -10.11 -24.80
C SER A 57 -8.26 -9.41 -25.42
N GLN A 58 -7.94 -8.21 -24.93
CA GLN A 58 -6.80 -7.47 -25.47
C GLN A 58 -5.46 -8.11 -25.15
N TRP A 59 -5.30 -8.63 -23.92
CA TRP A 59 -4.07 -9.35 -23.62
C TRP A 59 -3.84 -10.57 -24.52
N LYS A 60 -4.91 -11.27 -24.88
CA LYS A 60 -4.83 -12.39 -25.84
C LYS A 60 -4.37 -11.86 -27.22
N GLU A 61 -4.97 -10.76 -27.68
CA GLU A 61 -4.65 -10.14 -29.01
C GLU A 61 -3.19 -9.67 -28.97
N PHE A 62 -2.76 -9.12 -27.82
CA PHE A 62 -1.35 -8.67 -27.65
C PHE A 62 -0.32 -9.79 -27.76
N GLY A 63 -0.72 -11.04 -27.57
CA GLY A 63 0.16 -12.16 -27.77
C GLY A 63 0.45 -13.03 -26.58
N LEU A 64 -0.22 -12.82 -25.44
CA LEU A 64 0.05 -13.75 -24.29
C LEU A 64 -0.37 -15.20 -24.59
N ASP A 65 0.32 -16.16 -23.98
CA ASP A 65 0.04 -17.58 -24.22
C ASP A 65 -1.33 -18.03 -23.70
N SER A 66 -1.71 -17.51 -22.54
CA SER A 66 -2.98 -17.84 -21.92
C SER A 66 -3.43 -16.60 -21.12
N VAL A 67 -4.74 -16.34 -21.09
CA VAL A 67 -5.27 -15.23 -20.29
C VAL A 67 -6.61 -15.71 -19.75
N GLU A 68 -6.71 -15.86 -18.43
CA GLU A 68 -7.88 -16.40 -17.81
C GLU A 68 -8.42 -15.43 -16.78
N LEU A 69 -9.71 -15.54 -16.46
CA LEU A 69 -10.26 -14.82 -15.32
C LEU A 69 -10.27 -15.77 -14.12
N ALA A 70 -9.84 -15.28 -12.97
CA ALA A 70 -9.92 -16.04 -11.74
C ALA A 70 -10.92 -15.29 -10.89
N HIS A 71 -12.04 -15.92 -10.56
CA HIS A 71 -13.08 -15.22 -9.76
C HIS A 71 -13.19 -15.78 -8.34
N TYR A 72 -13.68 -14.94 -7.42
CA TYR A 72 -13.86 -15.28 -5.98
C TYR A 72 -15.10 -14.57 -5.53
N ASP A 73 -15.70 -15.08 -4.46
CA ASP A 73 -16.90 -14.42 -3.87
C ASP A 73 -16.53 -13.93 -2.50
N VAL A 74 -16.38 -12.59 -2.39
CA VAL A 74 -15.79 -11.99 -1.19
C VAL A 74 -16.71 -10.95 -0.55
N LEU A 75 -16.46 -10.62 0.72
CA LEU A 75 -17.27 -9.60 1.37
C LEU A 75 -16.92 -8.20 0.87
N LEU A 76 -17.90 -7.49 0.29
CA LEU A 76 -17.71 -6.08 -0.13
C LEU A 76 -18.71 -5.26 0.70
N SER A 77 -18.70 -3.96 0.49
CA SER A 77 -19.53 -3.05 1.27
C SER A 77 -20.01 -1.93 0.37
N TYR A 78 -21.32 -1.59 0.44
CA TYR A 78 -21.85 -0.53 -0.41
C TYR A 78 -22.89 0.28 0.35
N PRO A 79 -22.97 1.57 0.04
CA PRO A 79 -24.10 2.32 0.64
C PRO A 79 -25.44 1.81 0.14
N ASN A 80 -26.48 2.12 0.92
CA ASN A 80 -27.84 1.76 0.53
C ASN A 80 -28.37 2.89 -0.37
N LYS A 81 -28.65 2.55 -1.62
CA LYS A 81 -29.11 3.50 -2.65
C LYS A 81 -30.38 4.29 -2.27
N THR A 82 -31.28 3.64 -1.53
CA THR A 82 -32.53 4.29 -1.12
C THR A 82 -32.57 4.75 0.36
N HIS A 83 -31.42 4.72 1.04
CA HIS A 83 -31.33 5.13 2.44
C HIS A 83 -29.94 5.75 2.67
N PRO A 84 -29.75 7.01 2.25
CA PRO A 84 -28.40 7.60 2.20
C PRO A 84 -27.72 7.81 3.55
N ASN A 85 -26.40 7.73 3.53
CA ASN A 85 -25.60 8.01 4.72
C ASN A 85 -25.44 9.50 4.83
N TYR A 86 -25.59 10.02 6.04
CA TYR A 86 -25.24 11.43 6.26
C TYR A 86 -25.03 11.68 7.74
N ILE A 87 -24.53 12.88 8.06
CA ILE A 87 -24.31 13.29 9.43
C ILE A 87 -25.12 14.59 9.66
N SER A 88 -25.67 14.71 10.85
CA SER A 88 -26.36 15.95 11.28
C SER A 88 -25.81 16.59 12.54
N ILE A 89 -26.09 17.91 12.67
CA ILE A 89 -26.14 18.52 14.00
C ILE A 89 -27.64 18.54 14.33
N ILE A 90 -28.00 17.98 15.48
N ILE A 90 -27.96 18.10 15.54
CA ILE A 90 -29.37 18.06 15.95
CA ILE A 90 -29.35 17.94 16.01
C ILE A 90 -29.45 19.00 17.13
C ILE A 90 -29.58 18.77 17.29
N ASN A 91 -30.61 19.64 17.29
CA ASN A 91 -30.89 20.42 18.53
C ASN A 91 -31.58 19.55 19.60
N GLU A 92 -31.80 20.11 20.78
CA GLU A 92 -32.40 19.34 21.90
C GLU A 92 -33.84 18.84 21.64
N ASP A 93 -34.50 19.38 20.63
CA ASP A 93 -35.84 18.92 20.23
C ASP A 93 -35.72 17.76 19.24
N GLY A 94 -34.50 17.53 18.76
CA GLY A 94 -34.28 16.47 17.78
C GLY A 94 -34.54 16.92 16.36
N ASN A 95 -34.47 18.22 16.10
CA ASN A 95 -34.51 18.70 14.71
C ASN A 95 -33.08 18.70 14.16
N GLU A 96 -32.92 18.16 12.96
CA GLU A 96 -31.62 18.17 12.29
C GLU A 96 -31.45 19.50 11.61
N ILE A 97 -30.61 20.34 12.18
CA ILE A 97 -30.44 21.73 11.74
C ILE A 97 -29.31 21.94 10.71
N PHE A 98 -28.46 20.92 10.55
CA PHE A 98 -27.50 20.96 9.49
C PHE A 98 -27.27 19.50 9.05
N ASN A 99 -27.19 19.27 7.75
CA ASN A 99 -26.87 17.95 7.20
C ASN A 99 -25.71 17.99 6.26
N THR A 100 -24.85 16.96 6.33
CA THR A 100 -23.75 16.87 5.37
C THR A 100 -24.28 16.44 4.02
N SER A 101 -23.46 16.62 2.99
CA SER A 101 -23.86 16.39 1.59
CA SER A 101 -23.88 16.40 1.61
C SER A 101 -24.15 14.92 1.33
N LEU A 102 -25.04 14.63 0.39
CA LEU A 102 -25.33 13.23 0.04
C LEU A 102 -24.47 12.73 -1.14
N PHE A 103 -23.71 13.64 -1.74
CA PHE A 103 -22.86 13.30 -2.89
C PHE A 103 -21.90 14.43 -3.19
N GLU A 104 -20.79 14.13 -3.85
CA GLU A 104 -19.85 15.14 -4.36
C GLU A 104 -20.41 15.76 -5.64
N PRO A 105 -20.37 17.10 -5.74
CA PRO A 105 -20.79 17.69 -7.02
C PRO A 105 -20.00 17.08 -8.20
N PRO A 106 -20.68 16.49 -9.20
CA PRO A 106 -19.88 15.80 -10.22
C PRO A 106 -19.07 16.76 -11.09
N PRO A 107 -17.91 16.29 -11.60
CA PRO A 107 -17.11 17.20 -12.43
C PRO A 107 -17.77 17.50 -13.80
N PRO A 108 -17.32 18.59 -14.46
CA PRO A 108 -17.91 19.03 -15.73
C PRO A 108 -17.97 17.94 -16.80
N GLY A 109 -19.16 17.71 -17.36
CA GLY A 109 -19.27 16.76 -18.45
C GLY A 109 -19.63 15.36 -17.94
N TYR A 110 -19.65 15.20 -16.61
CA TYR A 110 -19.97 13.91 -15.92
C TYR A 110 -21.11 14.07 -14.95
N GLU A 111 -21.77 15.23 -14.95
CA GLU A 111 -22.96 15.44 -14.11
C GLU A 111 -24.16 14.50 -14.46
N ASN A 112 -24.00 13.70 -15.52
CA ASN A 112 -25.03 12.70 -15.92
C ASN A 112 -24.51 11.25 -15.94
N VAL A 113 -23.31 11.02 -15.43
CA VAL A 113 -22.86 9.66 -15.30
C VAL A 113 -23.67 8.99 -14.17
N SER A 114 -24.09 7.76 -14.45
CA SER A 114 -24.79 6.95 -13.47
C SER A 114 -23.80 6.12 -12.63
N ASP A 115 -24.28 5.72 -11.46
CA ASP A 115 -23.58 4.75 -10.66
C ASP A 115 -22.27 5.30 -10.13
N ILE A 116 -22.18 6.60 -9.87
CA ILE A 116 -21.06 7.11 -9.07
C ILE A 116 -21.39 6.81 -7.61
N VAL A 117 -20.59 5.98 -6.95
CA VAL A 117 -20.89 5.64 -5.55
C VAL A 117 -20.67 6.89 -4.69
N PRO A 118 -21.65 7.26 -3.84
CA PRO A 118 -21.42 8.42 -2.97
C PRO A 118 -20.33 8.15 -1.94
N PRO A 119 -19.69 9.21 -1.41
CA PRO A 119 -18.65 8.99 -0.41
C PRO A 119 -19.17 8.18 0.77
N PHE A 120 -18.38 7.19 1.17
CA PHE A 120 -18.70 6.34 2.32
C PHE A 120 -17.44 5.68 2.79
N SER A 121 -17.47 5.12 4.01
CA SER A 121 -16.30 4.38 4.52
C SER A 121 -16.64 2.91 4.38
N ALA A 122 -15.96 2.22 3.47
CA ALA A 122 -16.33 0.82 3.22
C ALA A 122 -16.09 -0.02 4.47
N PHE A 123 -17.09 -0.84 4.78
CA PHE A 123 -17.17 -1.78 5.90
C PHE A 123 -17.61 -1.17 7.20
N SER A 124 -17.99 0.12 7.19
CA SER A 124 -18.58 0.68 8.40
C SER A 124 -19.83 -0.16 8.81
N PRO A 125 -19.99 -0.44 10.13
CA PRO A 125 -21.29 -0.98 10.51
C PRO A 125 -22.41 0.07 10.42
N GLN A 126 -23.65 -0.39 10.52
CA GLN A 126 -24.82 0.50 10.52
C GLN A 126 -24.98 1.04 11.92
N GLY A 127 -25.55 2.23 12.04
CA GLY A 127 -25.87 2.78 13.34
C GLY A 127 -26.31 4.21 13.19
N MET A 128 -26.95 4.74 14.24
CA MET A 128 -27.31 6.13 14.28
C MET A 128 -26.87 6.75 15.60
N PRO A 129 -25.58 6.63 15.95
CA PRO A 129 -25.05 7.18 17.21
C PRO A 129 -25.20 8.73 17.27
N GLU A 130 -25.59 9.25 18.44
CA GLU A 130 -25.73 10.70 18.64
C GLU A 130 -24.89 11.05 19.86
N GLY A 131 -24.13 12.14 19.81
CA GLY A 131 -23.27 12.47 20.93
C GLY A 131 -22.52 13.77 20.76
N ASP A 132 -21.56 13.98 21.63
CA ASP A 132 -20.72 15.17 21.63
C ASP A 132 -19.46 14.84 20.84
N LEU A 133 -18.92 15.83 20.14
CA LEU A 133 -17.73 15.64 19.33
C LEU A 133 -16.46 15.82 20.16
N VAL A 134 -15.44 15.00 19.86
CA VAL A 134 -14.08 15.30 20.28
C VAL A 134 -13.21 15.31 19.02
N TYR A 135 -12.37 16.33 18.91
CA TYR A 135 -11.44 16.45 17.79
C TYR A 135 -10.09 15.84 18.14
N VAL A 136 -9.63 14.88 17.31
CA VAL A 136 -8.45 14.08 17.69
C VAL A 136 -7.28 14.23 16.72
N ASN A 137 -7.21 15.36 16.02
CA ASN A 137 -6.15 15.66 15.07
C ASN A 137 -6.16 14.53 14.01
N TYR A 138 -5.02 13.88 13.79
CA TYR A 138 -4.99 12.83 12.76
C TYR A 138 -5.39 11.47 13.31
N ALA A 139 -5.83 11.42 14.57
CA ALA A 139 -6.23 10.18 15.25
C ALA A 139 -5.09 9.12 15.25
N ARG A 140 -3.86 9.59 15.25
CA ARG A 140 -2.69 8.70 15.39
C ARG A 140 -2.55 8.21 16.83
N THR A 141 -1.76 7.16 17.02
CA THR A 141 -1.51 6.65 18.38
C THR A 141 -1.01 7.82 19.29
N GLU A 142 -0.09 8.64 18.78
CA GLU A 142 0.44 9.75 19.62
C GLU A 142 -0.61 10.84 19.85
N ASP A 143 -1.57 11.00 18.94
CA ASP A 143 -2.62 12.03 19.17
C ASP A 143 -3.52 11.56 20.31
N PHE A 144 -3.85 10.27 20.34
CA PHE A 144 -4.67 9.74 21.45
C PHE A 144 -3.91 9.70 22.78
N PHE A 145 -2.59 9.50 22.71
CA PHE A 145 -1.76 9.56 23.94
C PHE A 145 -1.84 10.98 24.51
N LYS A 146 -1.67 11.99 23.64
CA LYS A 146 -1.76 13.42 24.03
C LYS A 146 -3.12 13.77 24.69
N LEU A 147 -4.21 13.36 24.06
CA LEU A 147 -5.57 13.60 24.58
C LEU A 147 -5.79 12.98 25.94
N GLU A 148 -5.53 11.68 26.02
CA GLU A 148 -5.87 10.90 27.21
C GLU A 148 -4.87 11.07 28.34
N ARG A 149 -3.58 11.01 28.03
CA ARG A 149 -2.54 11.03 29.06
C ARG A 149 -2.18 12.43 29.50
N ASP A 150 -2.12 13.38 28.56
CA ASP A 150 -1.67 14.72 28.89
C ASP A 150 -2.82 15.68 29.17
N MET A 151 -3.83 15.65 28.29
CA MET A 151 -4.94 16.60 28.37
C MET A 151 -6.08 16.06 29.22
N LYS A 152 -6.01 14.77 29.53
CA LYS A 152 -6.99 14.09 30.37
C LYS A 152 -8.38 14.19 29.78
N ILE A 153 -8.48 14.10 28.46
CA ILE A 153 -9.80 14.10 27.81
C ILE A 153 -10.19 12.68 27.52
N ASN A 154 -11.39 12.30 27.92
CA ASN A 154 -11.85 10.93 27.80
C ASN A 154 -12.76 10.84 26.56
N CYS A 155 -12.40 9.96 25.60
CA CYS A 155 -13.20 9.80 24.38
C CYS A 155 -14.35 8.80 24.52
N SER A 156 -14.47 8.16 25.68
CA SER A 156 -15.50 7.14 25.84
C SER A 156 -16.90 7.69 25.62
N GLY A 157 -17.66 7.03 24.73
CA GLY A 157 -19.02 7.43 24.39
C GLY A 157 -19.13 8.73 23.58
N LYS A 158 -18.00 9.26 23.09
CA LYS A 158 -18.00 10.47 22.23
C LYS A 158 -17.94 10.07 20.75
N ILE A 159 -18.31 11.01 19.88
CA ILE A 159 -18.04 10.88 18.45
C ILE A 159 -16.75 11.58 18.16
N VAL A 160 -15.80 10.88 17.52
CA VAL A 160 -14.52 11.51 17.30
C VAL A 160 -14.55 12.06 15.87
N ILE A 161 -13.97 13.25 15.71
CA ILE A 161 -13.72 13.82 14.38
C ILE A 161 -12.23 14.00 14.15
N ALA A 162 -11.76 13.44 13.04
CA ALA A 162 -10.34 13.32 12.76
C ALA A 162 -10.09 13.77 11.34
N ARG A 163 -8.99 14.47 11.11
CA ARG A 163 -8.58 14.74 9.77
C ARG A 163 -7.81 13.57 9.15
N TYR A 164 -8.09 13.36 7.86
CA TYR A 164 -7.33 12.39 7.05
C TYR A 164 -5.89 12.86 6.96
N GLY A 165 -4.97 11.93 6.74
CA GLY A 165 -3.56 12.27 6.49
C GLY A 165 -2.67 11.47 7.43
N LYS A 166 -1.40 11.38 7.07
CA LYS A 166 -0.30 10.86 7.91
C LYS A 166 -0.31 9.36 8.09
N VAL A 167 -1.48 8.78 8.36
CA VAL A 167 -1.57 7.30 8.57
C VAL A 167 -2.80 6.74 7.87
N PHE A 168 -2.75 5.44 7.58
CA PHE A 168 -3.90 4.77 7.01
C PHE A 168 -5.18 4.96 7.84
N ARG A 169 -6.31 5.23 7.16
CA ARG A 169 -7.55 5.56 7.88
C ARG A 169 -8.05 4.43 8.75
N GLY A 170 -7.74 3.18 8.38
CA GLY A 170 -8.12 2.04 9.22
C GLY A 170 -7.46 2.09 10.62
N ASN A 171 -6.22 2.54 10.66
CA ASN A 171 -5.53 2.75 11.94
C ASN A 171 -6.22 3.82 12.80
N LYS A 172 -6.65 4.91 12.17
CA LYS A 172 -7.44 5.95 12.91
C LYS A 172 -8.67 5.35 13.58
N VAL A 173 -9.39 4.52 12.84
CA VAL A 173 -10.63 3.95 13.32
C VAL A 173 -10.34 2.97 14.46
N LYS A 174 -9.31 2.13 14.28
CA LYS A 174 -8.90 1.20 15.34
C LYS A 174 -8.56 1.98 16.62
N ASN A 175 -7.82 3.08 16.44
CA ASN A 175 -7.42 3.91 17.59
C ASN A 175 -8.64 4.51 18.28
N ALA A 176 -9.57 5.03 17.49
CA ALA A 176 -10.81 5.63 18.04
C ALA A 176 -11.64 4.56 18.77
N GLN A 177 -11.74 3.35 18.22
CA GLN A 177 -12.44 2.24 18.87
C GLN A 177 -11.86 1.91 20.23
N LEU A 178 -10.54 1.78 20.29
CA LEU A 178 -9.84 1.43 21.52
C LEU A 178 -9.92 2.55 22.55
N ALA A 179 -10.10 3.78 22.09
CA ALA A 179 -10.36 4.90 23.01
C ALA A 179 -11.80 4.96 23.53
N GLY A 180 -12.68 4.08 23.03
CA GLY A 180 -14.08 4.05 23.45
C GLY A 180 -15.06 4.94 22.69
N ALA A 181 -14.62 5.52 21.56
CA ALA A 181 -15.50 6.31 20.69
C ALA A 181 -16.73 5.53 20.24
N LYS A 182 -17.86 6.19 20.04
CA LYS A 182 -19.01 5.48 19.47
C LYS A 182 -19.25 5.75 18.01
N GLY A 183 -18.36 6.55 17.41
CA GLY A 183 -18.40 6.80 15.96
C GLY A 183 -17.24 7.66 15.54
N VAL A 184 -16.92 7.67 14.23
CA VAL A 184 -15.80 8.44 13.74
C VAL A 184 -16.24 9.20 12.50
N ILE A 185 -15.87 10.48 12.45
CA ILE A 185 -16.09 11.29 11.26
C ILE A 185 -14.71 11.66 10.74
N LEU A 186 -14.42 11.28 9.49
CA LEU A 186 -13.14 11.59 8.85
C LEU A 186 -13.37 12.76 7.89
N TYR A 187 -12.44 13.71 7.83
CA TYR A 187 -12.58 14.80 6.86
C TYR A 187 -11.25 15.19 6.27
N SER A 188 -11.28 15.82 5.08
CA SER A 188 -10.06 16.29 4.43
C SER A 188 -9.81 17.79 4.77
N ASP A 189 -8.77 18.06 5.53
CA ASP A 189 -8.46 19.46 5.87
C ASP A 189 -7.66 20.08 4.72
N PRO A 190 -7.94 21.36 4.38
CA PRO A 190 -7.13 21.97 3.33
C PRO A 190 -5.66 22.03 3.68
N ALA A 191 -5.28 21.97 4.96
CA ALA A 191 -3.85 21.94 5.30
C ALA A 191 -3.14 20.75 4.62
N ASP A 192 -3.86 19.64 4.52
CA ASP A 192 -3.30 18.41 3.98
C ASP A 192 -3.68 18.16 2.51
N TYR A 193 -4.80 18.73 2.05
CA TYR A 193 -5.29 18.40 0.70
C TYR A 193 -5.50 19.61 -0.20
N PHE A 194 -4.88 20.76 0.14
CA PHE A 194 -5.03 21.95 -0.72
C PHE A 194 -3.67 22.63 -0.74
N ALA A 195 -2.90 22.42 -1.80
CA ALA A 195 -1.57 22.99 -1.92
C ALA A 195 -1.71 24.51 -2.14
N PRO A 196 -0.92 25.32 -1.41
CA PRO A 196 -1.13 26.76 -1.60
C PRO A 196 -0.80 27.19 -3.03
N GLY A 197 -1.59 28.11 -3.57
CA GLY A 197 -1.34 28.68 -4.89
C GLY A 197 -1.86 27.91 -6.08
N VAL A 198 -2.54 26.78 -5.85
CA VAL A 198 -3.11 25.99 -6.95
C VAL A 198 -4.61 26.02 -6.80
N LYS A 199 -5.30 25.96 -7.92
CA LYS A 199 -6.75 26.07 -7.94
C LYS A 199 -7.38 24.70 -7.71
N SER A 200 -8.60 24.70 -7.17
CA SER A 200 -9.50 23.52 -7.06
C SER A 200 -9.87 22.95 -8.40
N TYR A 201 -10.10 21.62 -8.44
CA TYR A 201 -10.63 21.00 -9.62
C TYR A 201 -11.97 21.65 -9.98
N PRO A 202 -12.25 21.90 -11.29
CA PRO A 202 -11.57 21.50 -12.54
C PRO A 202 -10.50 22.45 -13.08
N ASP A 203 -10.17 23.48 -12.32
CA ASP A 203 -9.23 24.50 -12.81
C ASP A 203 -7.81 24.27 -12.34
N GLY A 204 -7.64 23.27 -11.44
CA GLY A 204 -6.32 22.89 -10.97
C GLY A 204 -6.45 21.54 -10.27
N TRP A 205 -5.40 21.11 -9.58
CA TRP A 205 -5.41 19.74 -9.02
C TRP A 205 -5.72 19.64 -7.52
N ASN A 206 -6.19 20.75 -6.92
CA ASN A 206 -6.59 20.75 -5.50
C ASN A 206 -8.00 20.19 -5.25
N LEU A 207 -8.24 19.79 -4.00
CA LEU A 207 -9.54 19.30 -3.59
C LEU A 207 -10.47 20.48 -3.32
N PRO A 208 -11.65 20.48 -3.96
CA PRO A 208 -12.67 21.45 -3.60
C PRO A 208 -13.36 21.13 -2.27
N GLY A 209 -14.08 22.11 -1.72
CA GLY A 209 -14.70 21.94 -0.41
C GLY A 209 -15.76 20.86 -0.33
N GLY A 210 -16.32 20.51 -1.48
CA GLY A 210 -17.34 19.44 -1.56
C GLY A 210 -16.69 18.09 -1.88
N GLY A 211 -15.39 18.08 -2.13
CA GLY A 211 -14.70 16.79 -2.47
C GLY A 211 -14.56 15.92 -1.24
N VAL A 212 -14.61 14.59 -1.42
CA VAL A 212 -14.52 13.70 -0.27
C VAL A 212 -13.70 12.46 -0.67
N GLN A 213 -12.85 12.02 0.24
CA GLN A 213 -12.01 10.83 0.03
C GLN A 213 -12.75 9.60 0.50
N ARG A 214 -13.09 8.72 -0.43
CA ARG A 214 -13.58 7.39 -0.12
C ARG A 214 -12.43 6.48 0.41
N GLY A 215 -12.82 5.35 1.00
CA GLY A 215 -11.79 4.34 1.32
C GLY A 215 -12.19 3.39 2.41
N ASN A 216 -11.66 2.18 2.36
CA ASN A 216 -12.06 1.22 3.39
C ASN A 216 -11.36 1.52 4.71
N ILE A 217 -11.98 1.03 5.80
CA ILE A 217 -11.50 1.30 7.17
C ILE A 217 -11.27 -0.04 7.90
N LEU A 218 -10.91 -1.05 7.13
CA LEU A 218 -10.61 -2.39 7.68
C LEU A 218 -9.27 -2.44 8.36
N ASN A 219 -9.15 -3.39 9.30
CA ASN A 219 -7.86 -3.73 9.88
CA ASN A 219 -7.88 -3.72 9.93
C ASN A 219 -7.66 -5.22 9.72
N LEU A 220 -7.41 -5.64 8.48
CA LEU A 220 -7.32 -7.05 8.15
C LEU A 220 -5.99 -7.69 8.54
N ASN A 221 -4.94 -6.88 8.68
CA ASN A 221 -3.57 -7.43 8.92
C ASN A 221 -3.19 -8.57 7.96
N GLY A 222 -3.53 -8.38 6.69
CA GLY A 222 -3.06 -9.28 5.69
C GLY A 222 -3.96 -10.45 5.41
N ALA A 223 -5.15 -10.49 5.99
CA ALA A 223 -5.98 -11.72 5.88
C ALA A 223 -6.68 -11.88 4.52
N GLY A 224 -6.88 -10.79 3.78
CA GLY A 224 -7.72 -10.87 2.56
C GLY A 224 -9.23 -10.83 2.89
N ASP A 225 -10.05 -11.58 2.17
CA ASP A 225 -11.50 -11.56 2.43
C ASP A 225 -11.76 -11.85 3.90
N PRO A 226 -12.55 -10.99 4.58
CA PRO A 226 -12.79 -11.13 5.97
C PRO A 226 -13.44 -12.48 6.37
N LEU A 227 -14.15 -13.10 5.42
CA LEU A 227 -14.86 -14.36 5.75
C LEU A 227 -14.07 -15.66 5.55
N THR A 228 -12.91 -15.60 4.86
CA THR A 228 -12.18 -16.82 4.51
C THR A 228 -10.67 -16.75 4.75
N PRO A 229 -10.23 -16.27 5.93
CA PRO A 229 -8.77 -16.14 6.15
C PRO A 229 -8.03 -17.47 6.00
N GLY A 230 -7.00 -17.47 5.15
CA GLY A 230 -6.17 -18.65 4.95
C GLY A 230 -6.46 -19.41 3.68
N TYR A 231 -7.68 -19.26 3.13
CA TYR A 231 -8.10 -20.12 2.03
C TYR A 231 -8.82 -19.28 0.96
N PRO A 232 -8.75 -19.68 -0.33
CA PRO A 232 -9.44 -18.90 -1.34
C PRO A 232 -10.98 -18.97 -1.24
N ALA A 233 -11.62 -17.82 -1.48
CA ALA A 233 -13.08 -17.73 -1.44
C ALA A 233 -13.71 -18.27 -2.72
N ASN A 234 -13.49 -19.56 -2.94
CA ASN A 234 -13.95 -20.23 -4.14
C ASN A 234 -15.39 -20.69 -3.93
N GLU A 235 -15.89 -21.54 -4.85
CA GLU A 235 -17.31 -21.87 -4.84
C GLU A 235 -17.76 -22.70 -3.64
N TYR A 236 -16.86 -23.54 -3.10
CA TYR A 236 -17.24 -24.40 -1.97
C TYR A 236 -16.71 -23.92 -0.62
N ALA A 237 -16.24 -22.67 -0.57
CA ALA A 237 -15.59 -22.18 0.62
C ALA A 237 -16.56 -22.18 1.79
N TYR A 238 -16.11 -22.53 2.99
N TYR A 238 -16.01 -22.52 2.96
CA TYR A 238 -16.96 -22.42 4.16
CA TYR A 238 -16.61 -22.26 4.28
C TYR A 238 -16.56 -21.11 4.88
C TYR A 238 -16.42 -20.80 4.56
N ARG A 239 -17.49 -20.16 4.99
CA ARG A 239 -17.30 -18.78 5.44
C ARG A 239 -17.56 -18.63 6.89
N ARG A 240 -16.74 -17.81 7.55
CA ARG A 240 -17.10 -17.32 8.89
C ARG A 240 -18.40 -16.55 8.87
N GLY A 241 -19.13 -16.61 9.98
CA GLY A 241 -20.26 -15.73 10.19
C GLY A 241 -19.71 -14.32 10.36
N ILE A 242 -20.51 -13.31 10.03
CA ILE A 242 -20.08 -11.90 10.22
C ILE A 242 -19.49 -11.59 11.59
N ALA A 243 -20.10 -12.13 12.65
CA ALA A 243 -19.61 -11.82 14.00
C ALA A 243 -18.18 -12.31 14.23
N GLU A 244 -17.73 -13.30 13.46
CA GLU A 244 -16.36 -13.82 13.57
C GLU A 244 -15.45 -13.33 12.39
N ALA A 245 -15.97 -12.48 11.50
CA ALA A 245 -15.19 -11.97 10.37
C ALA A 245 -13.94 -11.24 10.85
N VAL A 246 -12.91 -11.25 10.00
CA VAL A 246 -11.67 -10.56 10.33
C VAL A 246 -11.72 -9.08 9.99
N GLY A 247 -11.35 -8.26 10.97
CA GLY A 247 -10.95 -6.85 10.73
C GLY A 247 -12.01 -5.78 10.55
N LEU A 248 -13.27 -6.12 10.83
CA LEU A 248 -14.38 -5.18 10.63
C LEU A 248 -14.46 -4.21 11.80
N PRO A 249 -14.71 -2.94 11.51
CA PRO A 249 -14.84 -1.98 12.60
C PRO A 249 -16.14 -2.17 13.39
N SER A 250 -16.12 -1.72 14.65
CA SER A 250 -17.27 -1.94 15.53
C SER A 250 -18.12 -0.68 15.74
N ILE A 251 -17.67 0.44 15.18
CA ILE A 251 -18.40 1.73 15.30
C ILE A 251 -18.58 2.35 13.93
N PRO A 252 -19.67 3.09 13.73
CA PRO A 252 -19.93 3.72 12.43
C PRO A 252 -18.92 4.78 12.07
N VAL A 253 -18.64 4.91 10.75
CA VAL A 253 -17.61 5.81 10.26
C VAL A 253 -18.08 6.43 8.94
N HIS A 254 -17.80 7.72 8.74
CA HIS A 254 -18.20 8.37 7.50
C HIS A 254 -17.24 9.52 7.16
N PRO A 255 -16.89 9.69 5.87
CA PRO A 255 -15.98 10.76 5.45
C PRO A 255 -16.76 11.96 4.88
N ILE A 256 -16.24 13.15 5.09
CA ILE A 256 -16.85 14.39 4.59
C ILE A 256 -15.76 15.34 4.09
N GLY A 257 -16.21 16.37 3.34
CA GLY A 257 -15.33 17.38 2.78
C GLY A 257 -15.18 18.56 3.74
N TYR A 258 -14.31 19.50 3.39
CA TYR A 258 -14.01 20.57 4.34
C TYR A 258 -15.08 21.67 4.47
N TYR A 259 -15.96 21.81 3.47
CA TYR A 259 -17.14 22.71 3.69
C TYR A 259 -18.01 22.17 4.81
N ASP A 260 -18.29 20.87 4.76
CA ASP A 260 -19.04 20.22 5.81
C ASP A 260 -18.31 20.16 7.15
N ALA A 261 -17.01 19.87 7.10
CA ALA A 261 -16.21 19.79 8.32
C ALA A 261 -16.22 21.13 9.05
N GLN A 262 -16.10 22.21 8.29
CA GLN A 262 -16.12 23.53 8.91
C GLN A 262 -17.41 23.76 9.73
N LYS A 263 -18.56 23.31 9.22
CA LYS A 263 -19.82 23.43 9.97
C LYS A 263 -19.81 22.63 11.27
N LEU A 264 -19.18 21.44 11.27
CA LEU A 264 -19.09 20.67 12.49
C LEU A 264 -18.05 21.16 13.47
N LEU A 265 -16.96 21.75 12.99
CA LEU A 265 -15.86 22.13 13.84
C LEU A 265 -16.05 23.53 14.42
N GLU A 266 -16.77 24.38 13.69
CA GLU A 266 -16.79 25.83 14.11
C GLU A 266 -17.43 26.07 15.49
N LYS A 267 -18.36 25.20 15.88
CA LYS A 267 -19.02 25.33 17.18
C LYS A 267 -18.28 24.64 18.33
N MET A 268 -17.16 23.95 18.05
CA MET A 268 -16.43 23.21 19.11
C MET A 268 -15.88 24.03 20.28
N GLY A 269 -16.14 23.56 21.51
CA GLY A 269 -15.63 24.19 22.72
C GLY A 269 -14.66 23.31 23.49
N GLY A 270 -14.78 23.31 24.82
CA GLY A 270 -13.85 22.56 25.67
C GLY A 270 -12.44 23.13 25.53
N SER A 271 -11.42 22.27 25.51
CA SER A 271 -10.03 22.75 25.53
C SER A 271 -9.52 23.30 24.22
N ALA A 272 -8.62 24.28 24.30
CA ALA A 272 -7.86 24.73 23.13
C ALA A 272 -7.04 23.55 22.55
N PRO A 273 -6.67 23.61 21.26
CA PRO A 273 -5.73 22.58 20.75
C PRO A 273 -4.43 22.68 21.56
N PRO A 274 -3.74 21.56 21.81
CA PRO A 274 -2.61 21.67 22.73
C PRO A 274 -1.39 22.40 22.15
N ASP A 275 -1.34 22.50 20.83
CA ASP A 275 -0.26 23.19 20.11
C ASP A 275 -0.61 23.34 18.64
N SER A 276 0.25 24.02 17.88
CA SER A 276 -0.03 24.36 16.47
C SER A 276 -0.09 23.13 15.52
N SER A 277 0.51 22.01 15.92
CA SER A 277 0.51 20.82 15.04
C SER A 277 -0.88 20.15 15.00
N TRP A 278 -1.78 20.64 15.84
CA TRP A 278 -3.17 20.19 15.89
C TRP A 278 -4.13 21.10 15.08
N ARG A 279 -3.64 22.25 14.62
CA ARG A 279 -4.45 23.18 13.84
C ARG A 279 -4.22 23.02 12.35
N GLY A 280 -5.31 22.79 11.61
CA GLY A 280 -5.31 22.80 10.14
C GLY A 280 -5.49 24.22 9.61
N SER A 281 -6.01 24.33 8.39
CA SER A 281 -6.07 25.60 7.68
C SER A 281 -7.45 26.24 7.62
N LEU A 282 -8.45 25.62 8.26
CA LEU A 282 -9.79 26.18 8.23
C LEU A 282 -9.87 27.32 9.26
N LYS A 283 -10.86 28.17 9.07
CA LYS A 283 -11.06 29.31 9.97
C LYS A 283 -11.90 28.90 11.16
N VAL A 284 -11.35 28.00 11.98
CA VAL A 284 -11.96 27.51 13.20
C VAL A 284 -10.87 27.44 14.27
N PRO A 285 -11.26 27.32 15.56
CA PRO A 285 -10.24 27.30 16.63
C PRO A 285 -9.49 25.96 16.76
N TYR A 286 -10.11 24.88 16.30
CA TYR A 286 -9.59 23.49 16.44
C TYR A 286 -9.59 23.06 17.90
N ASN A 287 -10.59 23.58 18.65
CA ASN A 287 -10.82 23.12 20.01
C ASN A 287 -11.07 21.63 20.01
N VAL A 288 -10.54 20.94 21.01
CA VAL A 288 -10.64 19.50 21.03
C VAL A 288 -11.99 19.05 21.60
N GLY A 289 -12.71 19.96 22.28
CA GLY A 289 -13.99 19.58 22.89
C GLY A 289 -13.77 19.02 24.29
N PRO A 290 -14.62 18.11 24.75
CA PRO A 290 -15.78 17.54 24.08
C PRO A 290 -16.91 18.55 23.93
N GLY A 291 -17.72 18.37 22.89
CA GLY A 291 -18.92 19.18 22.73
C GLY A 291 -18.70 20.59 22.23
N PHE A 292 -19.80 21.35 22.20
CA PHE A 292 -19.86 22.65 21.56
C PHE A 292 -19.78 23.77 22.62
N THR A 293 -19.41 24.98 22.22
CA THR A 293 -19.33 26.13 23.18
C THR A 293 -20.70 26.48 23.75
N GLY A 294 -20.69 27.17 24.90
CA GLY A 294 -21.90 27.50 25.68
C GLY A 294 -23.27 27.57 25.03
N ASN A 295 -23.42 28.45 24.03
CA ASN A 295 -24.71 28.65 23.36
C ASN A 295 -25.30 27.41 22.70
N PHE A 296 -24.41 26.54 22.22
CA PHE A 296 -24.83 25.38 21.44
C PHE A 296 -24.58 24.10 22.21
N SER A 297 -24.40 24.25 23.52
CA SER A 297 -23.97 23.16 24.39
C SER A 297 -24.94 21.99 24.37
N THR A 298 -26.18 22.26 23.99
CA THR A 298 -27.23 21.23 24.02
C THR A 298 -27.47 20.59 22.66
N GLN A 299 -26.80 21.10 21.64
CA GLN A 299 -26.86 20.45 20.33
C GLN A 299 -25.89 19.26 20.35
N LYS A 300 -26.18 18.27 19.52
CA LYS A 300 -25.36 17.06 19.43
C LYS A 300 -25.04 16.80 17.96
N VAL A 301 -24.17 15.81 17.73
CA VAL A 301 -23.94 15.35 16.36
C VAL A 301 -24.51 13.93 16.22
N LYS A 302 -25.20 13.68 15.11
CA LYS A 302 -25.80 12.39 14.91
C LYS A 302 -25.38 11.84 13.55
N MET A 303 -24.92 10.59 13.55
CA MET A 303 -24.53 9.96 12.30
C MET A 303 -25.71 9.09 11.84
N HIS A 304 -25.83 8.87 10.53
CA HIS A 304 -26.82 7.95 9.98
C HIS A 304 -26.12 7.09 8.94
N ILE A 305 -25.79 5.87 9.32
CA ILE A 305 -25.02 5.01 8.40
C ILE A 305 -25.81 3.75 8.18
N HIS A 306 -26.05 3.42 6.90
CA HIS A 306 -26.93 2.32 6.53
C HIS A 306 -26.32 1.40 5.46
N SER A 307 -24.99 1.49 5.32
CA SER A 307 -24.26 0.66 4.34
C SER A 307 -24.42 -0.80 4.69
N THR A 308 -24.29 -1.67 3.69
CA THR A 308 -24.44 -3.11 3.92
C THR A 308 -23.23 -3.87 3.40
N ASN A 309 -22.86 -4.93 4.11
CA ASN A 309 -21.76 -5.76 3.69
C ASN A 309 -22.40 -6.92 2.92
N GLU A 310 -21.84 -7.30 1.77
CA GLU A 310 -22.52 -8.25 0.88
C GLU A 310 -21.47 -9.10 0.19
N VAL A 311 -21.64 -10.42 0.19
CA VAL A 311 -20.68 -11.28 -0.54
C VAL A 311 -20.96 -11.11 -2.03
N THR A 312 -19.90 -10.78 -2.80
CA THR A 312 -20.03 -10.31 -4.16
C THR A 312 -18.90 -10.90 -5.00
N ARG A 313 -19.16 -11.24 -6.27
CA ARG A 313 -18.12 -11.88 -7.09
C ARG A 313 -17.15 -10.80 -7.63
N ILE A 314 -15.85 -11.17 -7.62
CA ILE A 314 -14.79 -10.29 -8.15
C ILE A 314 -13.98 -11.12 -9.14
N TYR A 315 -13.25 -10.45 -10.02
CA TYR A 315 -12.57 -11.15 -11.13
C TYR A 315 -11.16 -10.62 -11.31
N ASN A 316 -10.15 -11.47 -11.24
CA ASN A 316 -8.80 -11.06 -11.59
C ASN A 316 -8.54 -11.51 -13.01
N VAL A 317 -7.77 -10.74 -13.77
CA VAL A 317 -7.33 -11.25 -15.07
C VAL A 317 -5.89 -11.69 -14.89
N ILE A 318 -5.57 -12.93 -15.28
CA ILE A 318 -4.23 -13.49 -15.12
C ILE A 318 -3.68 -13.89 -16.51
N GLY A 319 -2.65 -13.19 -16.97
CA GLY A 319 -2.03 -13.51 -18.30
C GLY A 319 -0.70 -14.19 -18.12
N THR A 320 -0.36 -15.15 -18.98
CA THR A 320 0.89 -15.87 -18.83
C THR A 320 1.69 -15.73 -20.11
N LEU A 321 2.97 -15.42 -19.96
CA LEU A 321 3.95 -15.49 -21.07
C LEU A 321 4.96 -16.53 -20.64
N ARG A 322 4.85 -17.74 -21.20
CA ARG A 322 5.70 -18.87 -20.78
C ARG A 322 7.20 -18.66 -21.08
N GLY A 323 8.04 -18.92 -20.08
CA GLY A 323 9.49 -18.81 -20.23
C GLY A 323 10.06 -19.90 -21.16
N ALA A 324 11.09 -19.52 -21.89
CA ALA A 324 11.77 -20.46 -22.82
C ALA A 324 12.67 -21.45 -22.13
N VAL A 325 13.25 -21.08 -20.99
CA VAL A 325 14.28 -21.95 -20.38
C VAL A 325 13.87 -22.42 -18.98
N GLU A 326 13.33 -21.48 -18.21
CA GLU A 326 12.82 -21.78 -16.86
C GLU A 326 11.35 -21.41 -16.73
N PRO A 327 10.46 -22.19 -17.37
CA PRO A 327 9.04 -21.86 -17.33
C PRO A 327 8.44 -22.04 -15.95
N ASP A 328 9.14 -22.79 -15.09
CA ASP A 328 8.65 -22.95 -13.71
C ASP A 328 9.23 -21.91 -12.74
N ARG A 329 9.63 -20.73 -13.24
CA ARG A 329 10.03 -19.61 -12.39
C ARG A 329 9.21 -18.43 -12.82
N TYR A 330 8.56 -17.76 -11.87
CA TYR A 330 7.56 -16.76 -12.23
C TYR A 330 8.00 -15.39 -11.79
N VAL A 331 7.96 -14.44 -12.72
CA VAL A 331 8.12 -13.03 -12.41
C VAL A 331 6.72 -12.42 -12.66
N ILE A 332 6.19 -11.72 -11.65
CA ILE A 332 4.80 -11.28 -11.67
C ILE A 332 4.79 -9.75 -11.71
N LEU A 333 4.04 -9.23 -12.69
CA LEU A 333 3.71 -7.81 -12.74
C LEU A 333 2.23 -7.69 -12.48
N GLY A 334 1.86 -7.07 -11.37
CA GLY A 334 0.44 -6.99 -11.04
C GLY A 334 0.01 -5.60 -10.57
N GLY A 335 -1.23 -5.25 -10.85
CA GLY A 335 -1.78 -3.99 -10.33
C GLY A 335 -3.29 -4.11 -10.43
N HIS A 336 -4.01 -3.28 -9.67
CA HIS A 336 -5.46 -3.48 -9.67
C HIS A 336 -6.18 -2.63 -10.74
N ARG A 337 -7.44 -2.99 -10.96
CA ARG A 337 -8.31 -2.43 -12.01
C ARG A 337 -9.51 -1.77 -11.40
N ASP A 338 -9.96 -2.24 -10.21
CA ASP A 338 -11.17 -1.64 -9.58
C ASP A 338 -10.84 -0.25 -9.10
N SER A 339 -11.81 0.66 -9.18
CA SER A 339 -11.57 2.03 -8.74
C SER A 339 -12.75 2.46 -7.87
N TRP A 340 -12.57 3.50 -7.06
CA TRP A 340 -13.71 4.05 -6.32
C TRP A 340 -14.72 4.72 -7.27
N VAL A 341 -14.23 5.57 -8.17
CA VAL A 341 -15.08 6.15 -9.22
C VAL A 341 -14.36 5.99 -10.55
N PHE A 342 -13.86 7.07 -11.14
CA PHE A 342 -13.27 6.91 -12.49
C PHE A 342 -11.85 6.43 -12.49
N GLY A 343 -11.17 6.55 -11.35
CA GLY A 343 -9.80 5.99 -11.23
C GLY A 343 -8.74 6.60 -12.16
N GLY A 344 -8.87 7.93 -12.36
CA GLY A 344 -7.98 8.64 -13.27
C GLY A 344 -6.53 8.44 -12.92
N ILE A 345 -6.21 8.52 -11.63
CA ILE A 345 -4.84 8.19 -11.24
C ILE A 345 -4.88 6.77 -10.65
N ASP A 346 -5.71 6.62 -9.63
CA ASP A 346 -5.74 5.32 -8.87
C ASP A 346 -6.95 4.46 -9.31
N PRO A 347 -6.73 3.38 -10.06
CA PRO A 347 -5.46 2.78 -10.44
C PRO A 347 -5.14 2.93 -11.93
N GLN A 348 -5.99 3.62 -12.70
CA GLN A 348 -5.84 3.40 -14.16
C GLN A 348 -4.57 3.98 -14.76
N SER A 349 -3.96 4.96 -14.12
CA SER A 349 -2.61 5.40 -14.54
C SER A 349 -1.59 4.28 -14.45
N GLY A 350 -1.78 3.38 -13.49
CA GLY A 350 -0.92 2.19 -13.39
C GLY A 350 -1.39 1.09 -14.38
N ALA A 351 -2.70 0.83 -14.44
CA ALA A 351 -3.19 -0.21 -15.36
C ALA A 351 -2.90 0.08 -16.83
N ALA A 352 -2.87 1.36 -17.21
CA ALA A 352 -2.56 1.76 -18.60
C ALA A 352 -1.11 1.46 -18.89
N VAL A 353 -0.27 1.65 -17.88
CA VAL A 353 1.16 1.28 -17.98
C VAL A 353 1.34 -0.23 -18.12
N VAL A 354 0.65 -1.01 -17.27
CA VAL A 354 0.69 -2.46 -17.41
C VAL A 354 0.25 -2.90 -18.82
N HIS A 355 -0.82 -2.31 -19.30
CA HIS A 355 -1.37 -2.65 -20.63
C HIS A 355 -0.31 -2.42 -21.72
N GLU A 356 0.37 -1.30 -21.68
CA GLU A 356 1.43 -1.02 -22.69
C GLU A 356 2.64 -1.91 -22.50
N ILE A 357 2.94 -2.30 -21.26
CA ILE A 357 3.98 -3.31 -21.03
C ILE A 357 3.65 -4.67 -21.63
N VAL A 358 2.42 -5.14 -21.42
CA VAL A 358 2.01 -6.42 -22.03
C VAL A 358 2.11 -6.31 -23.56
N ARG A 359 1.65 -5.19 -24.11
CA ARG A 359 1.69 -4.98 -25.56
C ARG A 359 3.12 -5.09 -26.09
N SER A 360 4.06 -4.44 -25.40
CA SER A 360 5.48 -4.46 -25.80
CA SER A 360 5.47 -4.47 -25.79
C SER A 360 6.06 -5.86 -25.71
N PHE A 361 5.84 -6.56 -24.57
CA PHE A 361 6.33 -7.93 -24.46
C PHE A 361 5.73 -8.80 -25.54
N GLY A 362 4.44 -8.60 -25.83
CA GLY A 362 3.74 -9.36 -26.84
C GLY A 362 4.30 -9.09 -28.24
N THR A 363 4.74 -7.87 -28.47
N THR A 363 4.72 -7.86 -28.51
CA THR A 363 5.36 -7.52 -29.76
CA THR A 363 5.36 -7.56 -29.80
C THR A 363 6.67 -8.25 -30.01
C THR A 363 6.58 -8.45 -29.98
N LEU A 364 7.43 -8.49 -28.95
CA LEU A 364 8.66 -9.26 -29.04
C LEU A 364 8.32 -10.73 -29.20
N LYS A 365 7.31 -11.21 -28.46
CA LYS A 365 6.85 -12.59 -28.59
C LYS A 365 6.41 -12.93 -30.03
N LYS A 366 5.71 -12.01 -30.68
CA LYS A 366 5.25 -12.28 -32.06
C LYS A 366 6.41 -12.40 -33.05
N GLU A 367 7.54 -11.77 -32.72
CA GLU A 367 8.80 -11.92 -33.49
C GLU A 367 9.65 -13.14 -33.14
N GLY A 368 9.12 -14.01 -32.27
CA GLY A 368 9.81 -15.25 -31.92
C GLY A 368 10.56 -15.26 -30.60
N TRP A 369 10.50 -14.16 -29.84
CA TRP A 369 11.26 -14.07 -28.61
C TRP A 369 10.39 -14.62 -27.47
N ARG A 370 11.03 -15.21 -26.47
CA ARG A 370 10.33 -15.47 -25.20
C ARG A 370 11.30 -15.12 -24.12
N PRO A 371 10.79 -14.69 -22.95
CA PRO A 371 11.67 -14.45 -21.82
C PRO A 371 12.26 -15.74 -21.31
N ARG A 372 13.36 -15.65 -20.57
CA ARG A 372 13.96 -16.87 -20.01
C ARG A 372 12.98 -17.57 -19.04
N ARG A 373 12.48 -16.75 -18.12
CA ARG A 373 11.51 -17.22 -17.11
C ARG A 373 10.09 -16.83 -17.52
N THR A 374 9.10 -17.46 -16.88
CA THR A 374 7.72 -17.12 -17.13
C THR A 374 7.37 -15.76 -16.51
N ILE A 375 6.64 -14.95 -17.26
CA ILE A 375 6.11 -13.72 -16.70
C ILE A 375 4.61 -13.86 -16.58
N LEU A 376 4.09 -13.55 -15.39
CA LEU A 376 2.65 -13.49 -15.15
C LEU A 376 2.25 -12.05 -15.00
N PHE A 377 1.14 -11.70 -15.67
CA PHE A 377 0.57 -10.35 -15.62
C PHE A 377 -0.80 -10.44 -14.94
N ALA A 378 -1.08 -9.51 -14.03
CA ALA A 378 -2.33 -9.56 -13.30
C ALA A 378 -3.00 -8.20 -13.24
N SER A 379 -4.31 -8.25 -13.49
CA SER A 379 -5.20 -7.13 -13.29
C SER A 379 -6.10 -7.52 -12.09
N TRP A 380 -5.76 -7.02 -10.90
CA TRP A 380 -6.45 -7.47 -9.68
C TRP A 380 -7.77 -6.75 -9.49
N ASP A 381 -8.73 -7.44 -8.85
CA ASP A 381 -9.97 -6.82 -8.49
C ASP A 381 -10.01 -6.54 -6.97
N ALA A 382 -10.91 -5.64 -6.59
CA ALA A 382 -11.24 -5.38 -5.16
C ALA A 382 -10.00 -5.02 -4.32
N GLU A 383 -9.02 -4.35 -4.94
CA GLU A 383 -7.89 -3.85 -4.15
C GLU A 383 -8.44 -2.84 -3.15
N GLU A 384 -9.41 -2.03 -3.59
CA GLU A 384 -9.83 -0.92 -2.75
C GLU A 384 -10.60 -1.41 -1.53
N PHE A 385 -11.02 -2.68 -1.53
CA PHE A 385 -11.78 -3.22 -0.41
C PHE A 385 -10.94 -4.11 0.50
N GLY A 386 -9.61 -3.98 0.37
CA GLY A 386 -8.69 -4.68 1.28
C GLY A 386 -7.75 -5.67 0.61
N LEU A 387 -7.35 -5.35 -0.62
CA LEU A 387 -6.39 -6.24 -1.35
C LEU A 387 -7.05 -7.63 -1.60
N LEU A 388 -8.35 -7.64 -1.88
CA LEU A 388 -9.04 -8.94 -1.80
C LEU A 388 -8.71 -9.84 -2.97
N GLY A 389 -8.66 -9.27 -4.16
CA GLY A 389 -8.36 -10.08 -5.37
C GLY A 389 -6.96 -10.69 -5.38
N SER A 390 -5.95 -9.87 -5.07
CA SER A 390 -4.58 -10.40 -5.06
C SER A 390 -4.43 -11.42 -3.94
N THR A 391 -5.03 -11.13 -2.80
CA THR A 391 -4.83 -12.03 -1.65
C THR A 391 -5.54 -13.38 -1.86
N GLU A 392 -6.76 -13.36 -2.38
CA GLU A 392 -7.46 -14.64 -2.60
C GLU A 392 -6.72 -15.47 -3.65
N TRP A 393 -6.24 -14.81 -4.71
CA TRP A 393 -5.50 -15.55 -5.75
C TRP A 393 -4.18 -16.13 -5.16
N ALA A 394 -3.50 -15.34 -4.32
CA ALA A 394 -2.27 -15.84 -3.69
C ALA A 394 -2.59 -16.99 -2.73
N GLU A 395 -3.73 -16.92 -2.01
CA GLU A 395 -4.10 -18.04 -1.17
C GLU A 395 -4.37 -19.31 -1.97
N GLU A 396 -5.04 -19.14 -3.11
CA GLU A 396 -5.32 -20.27 -3.97
C GLU A 396 -4.01 -20.89 -4.49
N ASN A 397 -3.06 -20.04 -4.87
CA ASN A 397 -1.86 -20.50 -5.59
C ASN A 397 -0.59 -20.49 -4.73
N SER A 398 -0.77 -20.46 -3.40
CA SER A 398 0.39 -20.22 -2.50
C SER A 398 1.50 -21.25 -2.69
N ARG A 399 1.15 -22.50 -2.95
CA ARG A 399 2.20 -23.52 -3.13
C ARG A 399 3.05 -23.28 -4.38
N LEU A 400 2.39 -22.87 -5.48
CA LEU A 400 3.13 -22.60 -6.70
C LEU A 400 4.01 -21.35 -6.46
N LEU A 401 3.46 -20.37 -5.76
CA LEU A 401 4.17 -19.11 -5.60
C LEU A 401 5.37 -19.27 -4.67
N GLN A 402 5.18 -20.00 -3.58
CA GLN A 402 6.33 -20.04 -2.69
CA GLN A 402 6.20 -20.38 -2.57
C GLN A 402 7.44 -20.95 -3.25
N GLU A 403 7.15 -21.91 -4.14
CA GLU A 403 8.25 -22.70 -4.65
C GLU A 403 8.77 -22.17 -6.00
N ARG A 404 8.02 -21.29 -6.66
CA ARG A 404 8.41 -20.84 -8.00
C ARG A 404 8.52 -19.33 -8.16
N GLY A 405 8.07 -18.56 -7.17
CA GLY A 405 7.95 -17.09 -7.32
C GLY A 405 9.30 -16.42 -7.18
N VAL A 406 9.75 -15.79 -8.25
CA VAL A 406 11.00 -15.06 -8.20
C VAL A 406 10.82 -13.66 -7.62
N ALA A 407 9.86 -12.94 -8.13
CA ALA A 407 9.64 -11.52 -7.77
C ALA A 407 8.27 -11.05 -8.16
N TYR A 408 7.79 -10.03 -7.46
CA TYR A 408 6.53 -9.38 -7.75
C TYR A 408 6.81 -7.89 -7.85
N ILE A 409 6.41 -7.29 -8.96
CA ILE A 409 6.44 -5.85 -9.15
C ILE A 409 5.01 -5.33 -9.22
N ASN A 410 4.70 -4.38 -8.33
CA ASN A 410 3.35 -3.84 -8.28
C ASN A 410 3.22 -2.68 -9.30
N ALA A 411 1.99 -2.38 -9.67
CA ALA A 411 1.72 -1.33 -10.67
C ALA A 411 0.39 -0.72 -10.42
N ASP A 412 0.25 -0.03 -9.28
CA ASP A 412 -0.89 0.83 -9.09
C ASP A 412 -0.44 2.18 -9.65
N SER A 413 -1.06 3.26 -9.17
CA SER A 413 -0.89 4.61 -9.72
C SER A 413 0.54 4.87 -10.21
N SER A 414 0.68 5.26 -11.48
CA SER A 414 2.02 5.54 -12.00
C SER A 414 2.52 6.93 -11.58
N ILE A 415 1.61 7.84 -11.26
CA ILE A 415 1.95 9.22 -10.92
C ILE A 415 1.14 9.65 -9.71
N GLU A 416 1.76 10.36 -8.79
CA GLU A 416 1.00 11.04 -7.75
C GLU A 416 1.56 12.44 -7.68
N GLY A 417 2.41 12.76 -8.65
CA GLY A 417 3.04 14.07 -8.78
C GLY A 417 3.95 14.04 -10.00
N ASN A 418 4.70 15.11 -10.21
CA ASN A 418 5.53 15.17 -11.41
C ASN A 418 6.97 15.60 -11.10
N TYR A 419 7.39 15.36 -9.85
CA TYR A 419 8.68 15.87 -9.37
C TYR A 419 9.82 14.89 -9.53
N THR A 420 9.68 13.67 -8.97
CA THR A 420 10.78 12.73 -9.13
C THR A 420 10.27 11.30 -8.88
N LEU A 421 11.16 10.33 -9.03
CA LEU A 421 10.80 8.92 -8.79
C LEU A 421 10.65 8.62 -7.31
N ARG A 422 9.80 7.64 -6.97
CA ARG A 422 9.70 7.17 -5.59
C ARG A 422 9.75 5.65 -5.75
N VAL A 423 10.54 4.98 -4.91
CA VAL A 423 10.67 3.51 -5.01
C VAL A 423 10.62 2.91 -3.59
N ASP A 424 9.90 1.81 -3.43
CA ASP A 424 9.96 0.98 -2.21
C ASP A 424 10.22 -0.42 -2.70
N CYS A 425 11.21 -1.10 -2.15
CA CYS A 425 11.45 -2.48 -2.58
C CYS A 425 12.29 -3.20 -1.58
N THR A 426 12.41 -4.50 -1.73
CA THR A 426 13.33 -5.26 -0.90
C THR A 426 14.79 -4.86 -1.21
N PRO A 427 15.66 -4.92 -0.19
CA PRO A 427 17.09 -4.68 -0.46
C PRO A 427 17.64 -5.53 -1.61
N LEU A 428 17.07 -6.72 -1.84
CA LEU A 428 17.57 -7.58 -2.94
C LEU A 428 17.44 -6.94 -4.30
N MET A 429 16.59 -5.92 -4.44
CA MET A 429 16.43 -5.26 -5.75
C MET A 429 17.14 -3.90 -5.80
N TYR A 430 17.82 -3.48 -4.74
CA TYR A 430 18.43 -2.13 -4.77
C TYR A 430 19.40 -1.94 -5.95
N SER A 431 20.29 -2.92 -6.15
CA SER A 431 21.34 -2.86 -7.21
CA SER A 431 21.31 -2.80 -7.18
C SER A 431 20.67 -2.80 -8.56
N LEU A 432 19.64 -3.64 -8.73
CA LEU A 432 18.85 -3.67 -9.99
C LEU A 432 18.24 -2.31 -10.29
N VAL A 433 17.61 -1.69 -9.30
CA VAL A 433 16.97 -0.38 -9.50
C VAL A 433 18.02 0.67 -9.83
N HIS A 434 19.11 0.68 -9.05
CA HIS A 434 20.19 1.68 -9.33
C HIS A 434 20.72 1.49 -10.76
N ASN A 435 21.00 0.25 -11.14
CA ASN A 435 21.56 -0.02 -12.48
C ASN A 435 20.61 0.32 -13.61
N LEU A 436 19.34 -0.04 -13.47
CA LEU A 436 18.35 0.29 -14.50
C LEU A 436 18.17 1.80 -14.63
N THR A 437 18.01 2.51 -13.51
CA THR A 437 17.72 3.94 -13.61
C THR A 437 18.93 4.71 -14.19
N LYS A 438 20.11 4.14 -14.05
CA LYS A 438 21.32 4.75 -14.70
C LYS A 438 21.29 4.64 -16.22
N GLU A 439 20.50 3.72 -16.76
CA GLU A 439 20.41 3.51 -18.20
C GLU A 439 19.17 4.13 -18.81
N LEU A 440 18.25 4.67 -18.00
CA LEU A 440 17.06 5.34 -18.49
C LEU A 440 17.26 6.86 -18.55
N LYS A 441 16.61 7.50 -19.50
CA LYS A 441 16.66 8.97 -19.64
C LYS A 441 15.78 9.65 -18.60
N SER A 442 16.27 10.72 -17.99
CA SER A 442 15.40 11.51 -17.13
C SER A 442 14.34 12.25 -17.94
N PRO A 443 13.07 12.23 -17.50
CA PRO A 443 12.07 13.03 -18.18
C PRO A 443 11.98 14.47 -17.65
N ASP A 444 12.79 14.83 -16.65
CA ASP A 444 12.55 16.03 -15.87
C ASP A 444 13.11 17.24 -16.61
N GLU A 445 12.43 18.37 -16.48
CA GLU A 445 12.95 19.67 -16.99
C GLU A 445 14.28 20.01 -16.34
N GLY A 446 15.27 20.41 -17.14
CA GLY A 446 16.59 20.72 -16.62
C GLY A 446 17.55 19.55 -16.57
N PHE A 447 17.07 18.32 -16.83
CA PHE A 447 17.92 17.12 -16.81
C PHE A 447 17.88 16.45 -18.17
N GLU A 448 17.64 17.25 -19.21
CA GLU A 448 17.67 16.72 -20.56
C GLU A 448 19.02 16.06 -20.83
N GLY A 449 19.01 14.83 -21.34
CA GLY A 449 20.26 14.11 -21.59
C GLY A 449 20.97 13.55 -20.35
N LYS A 450 20.33 13.63 -19.18
CA LYS A 450 20.89 13.03 -17.98
C LYS A 450 20.06 11.78 -17.68
N SER A 451 20.64 10.92 -16.87
CA SER A 451 19.94 9.66 -16.50
C SER A 451 18.88 9.94 -15.47
N LEU A 452 17.93 9.02 -15.39
CA LEU A 452 16.91 9.11 -14.35
C LEU A 452 17.60 8.94 -12.98
N TYR A 453 18.64 8.08 -12.90
CA TYR A 453 19.37 7.93 -11.63
C TYR A 453 19.88 9.29 -11.15
N GLU A 454 20.43 10.08 -12.09
CA GLU A 454 20.99 11.38 -11.72
C GLU A 454 19.92 12.34 -11.19
N SER A 455 18.78 12.44 -11.87
CA SER A 455 17.71 13.35 -11.42
C SER A 455 17.09 12.90 -10.09
N TRP A 456 16.84 11.60 -9.99
CA TRP A 456 16.20 11.03 -8.82
C TRP A 456 17.12 11.21 -7.60
N THR A 457 18.41 10.96 -7.81
CA THR A 457 19.37 11.07 -6.72
C THR A 457 19.50 12.53 -6.25
N LYS A 458 19.47 13.45 -7.20
CA LYS A 458 19.56 14.87 -6.88
C LYS A 458 18.32 15.31 -6.08
N LYS A 459 17.14 14.86 -6.51
CA LYS A 459 15.88 15.31 -5.92
C LYS A 459 15.42 14.57 -4.67
N SER A 460 15.88 13.33 -4.53
CA SER A 460 15.51 12.46 -3.42
C SER A 460 16.73 11.74 -2.86
N PRO A 461 17.64 12.51 -2.20
CA PRO A 461 18.88 11.92 -1.71
C PRO A 461 18.62 10.92 -0.61
N SER A 462 19.41 9.85 -0.60
CA SER A 462 19.39 8.91 0.51
C SER A 462 19.76 9.63 1.80
N PRO A 463 19.03 9.35 2.89
CA PRO A 463 19.42 9.94 4.19
C PRO A 463 20.75 9.36 4.71
N GLU A 464 21.06 8.12 4.35
CA GLU A 464 22.35 7.53 4.75
C GLU A 464 23.55 7.77 3.79
N PHE A 465 23.33 7.77 2.48
CA PHE A 465 24.43 7.40 1.59
C PHE A 465 25.11 8.33 0.62
N SER A 466 24.57 9.52 0.34
CA SER A 466 25.32 10.52 -0.45
C SER A 466 25.71 9.97 -1.86
N GLY A 467 25.20 10.60 -2.91
CA GLY A 467 25.43 10.07 -4.26
C GLY A 467 24.49 8.91 -4.60
N MET A 468 23.61 8.58 -3.66
CA MET A 468 22.56 7.55 -3.84
C MET A 468 21.14 8.06 -3.53
N PRO A 469 20.11 7.47 -4.18
CA PRO A 469 18.73 7.88 -3.94
C PRO A 469 18.04 7.17 -2.76
N ARG A 470 16.96 7.77 -2.25
CA ARG A 470 16.18 7.15 -1.24
C ARG A 470 15.35 6.01 -1.84
N ILE A 471 15.37 4.87 -1.16
CA ILE A 471 14.41 3.76 -1.43
C ILE A 471 13.83 3.34 -0.08
N SER A 472 12.50 3.28 0.05
CA SER A 472 11.89 3.07 1.34
C SER A 472 11.51 1.58 1.54
N LYS A 473 11.03 1.27 2.74
CA LYS A 473 10.69 -0.11 3.16
C LYS A 473 9.24 -0.39 2.74
N LEU A 474 8.93 -1.64 2.43
CA LEU A 474 7.56 -2.02 2.10
C LEU A 474 6.73 -2.33 3.35
N GLY A 475 5.52 -1.77 3.41
CA GLY A 475 4.56 -2.16 4.42
C GLY A 475 3.36 -2.80 3.77
N SER A 476 2.20 -2.13 3.87
CA SER A 476 1.02 -2.60 3.21
C SER A 476 0.37 -1.44 2.45
N GLY A 477 -0.91 -1.56 2.14
CA GLY A 477 -1.59 -0.49 1.42
C GLY A 477 -1.75 -0.80 -0.06
N ASN A 478 -1.10 -1.89 -0.53
CA ASN A 478 -1.27 -2.26 -1.96
C ASN A 478 -1.05 -3.72 -2.21
N ASP A 479 -1.20 -4.17 -3.46
CA ASP A 479 -1.37 -5.60 -3.73
C ASP A 479 -0.12 -6.45 -3.59
N PHE A 480 1.04 -5.82 -3.40
CA PHE A 480 2.26 -6.60 -3.14
C PHE A 480 2.23 -7.23 -1.73
N GLU A 481 1.28 -6.83 -0.86
CA GLU A 481 1.38 -7.21 0.55
C GLU A 481 1.40 -8.72 0.73
N VAL A 482 0.47 -9.44 0.09
CA VAL A 482 0.47 -10.90 0.32
C VAL A 482 1.75 -11.56 -0.17
N PHE A 483 2.26 -11.09 -1.32
CA PHE A 483 3.44 -11.74 -1.89
C PHE A 483 4.65 -11.51 -1.02
N PHE A 484 4.78 -10.31 -0.48
CA PHE A 484 6.01 -10.01 0.31
C PHE A 484 5.88 -10.38 1.78
N GLN A 485 4.85 -9.84 2.45
CA GLN A 485 4.71 -10.00 3.92
C GLN A 485 4.24 -11.43 4.30
N ARG A 486 3.41 -12.06 3.48
CA ARG A 486 2.99 -13.44 3.80
C ARG A 486 3.83 -14.50 3.21
N LEU A 487 4.16 -14.36 1.91
CA LEU A 487 4.83 -15.44 1.20
C LEU A 487 6.36 -15.29 1.08
N GLY A 488 6.87 -14.08 1.28
CA GLY A 488 8.33 -13.88 1.24
C GLY A 488 8.89 -13.93 -0.17
N ILE A 489 8.15 -13.35 -1.11
CA ILE A 489 8.63 -13.18 -2.51
C ILE A 489 9.15 -11.73 -2.67
N ALA A 490 10.38 -11.63 -3.16
CA ALA A 490 11.02 -10.32 -3.38
C ALA A 490 10.05 -9.40 -4.11
N SER A 491 9.78 -8.22 -3.59
CA SER A 491 8.76 -7.35 -4.18
C SER A 491 9.30 -5.91 -4.34
N GLY A 492 8.73 -5.18 -5.28
CA GLY A 492 9.11 -3.76 -5.46
C GLY A 492 7.98 -2.95 -6.09
N ARG A 493 8.10 -1.64 -6.00
CA ARG A 493 7.10 -0.75 -6.57
C ARG A 493 7.85 0.58 -6.89
N ALA A 494 7.35 1.30 -7.88
CA ALA A 494 7.98 2.60 -8.28
C ALA A 494 6.92 3.47 -8.95
N ARG A 495 6.93 4.77 -8.66
CA ARG A 495 5.99 5.71 -9.29
C ARG A 495 6.66 7.08 -9.34
N TYR A 496 6.07 8.00 -10.09
CA TYR A 496 6.48 9.41 -10.01
C TYR A 496 5.69 10.08 -8.89
N THR A 497 6.35 10.97 -8.15
CA THR A 497 5.76 11.54 -6.95
C THR A 497 5.99 13.06 -6.89
N LYS A 498 5.43 13.67 -5.86
CA LYS A 498 5.54 15.10 -5.57
C LYS A 498 6.76 15.42 -4.72
N ASN A 499 7.02 16.71 -4.56
CA ASN A 499 7.93 17.22 -3.54
C ASN A 499 7.03 17.72 -2.42
N TRP A 500 6.60 16.82 -1.52
CA TRP A 500 5.74 17.19 -0.38
C TRP A 500 5.89 16.14 0.73
N GLU A 501 7.08 16.15 1.34
CA GLU A 501 7.52 15.10 2.24
C GLU A 501 6.59 14.77 3.41
N THR A 502 6.06 15.80 4.08
CA THR A 502 5.13 15.62 5.21
C THR A 502 3.78 15.02 4.76
N ASN A 503 3.56 15.02 3.46
CA ASN A 503 2.32 14.46 2.93
C ASN A 503 2.51 13.08 2.30
N LYS A 504 3.66 12.41 2.54
CA LYS A 504 3.95 11.18 1.78
C LYS A 504 2.98 10.00 2.03
N PHE A 505 2.26 10.02 3.16
CA PHE A 505 1.21 8.98 3.36
C PHE A 505 -0.22 9.52 3.25
N SER A 506 -0.37 10.78 2.88
CA SER A 506 -1.72 11.37 2.90
C SER A 506 -2.51 11.19 1.60
N GLY A 507 -1.80 10.95 0.49
CA GLY A 507 -2.40 10.94 -0.84
C GLY A 507 -2.35 12.33 -1.46
N TYR A 508 -2.42 12.37 -2.79
CA TYR A 508 -2.53 13.60 -3.56
C TYR A 508 -3.92 14.20 -3.26
N PRO A 509 -4.13 15.49 -3.58
CA PRO A 509 -5.36 16.09 -3.07
C PRO A 509 -6.66 15.43 -3.51
N LEU A 510 -6.70 14.90 -4.73
CA LEU A 510 -7.98 14.38 -5.25
C LEU A 510 -8.05 12.87 -5.07
N TYR A 511 -7.15 12.37 -4.23
CA TYR A 511 -7.14 10.90 -3.95
C TYR A 511 -8.50 10.34 -3.53
N HIS A 512 -8.98 9.30 -4.25
CA HIS A 512 -10.25 8.61 -3.95
C HIS A 512 -11.53 9.48 -4.03
N SER A 513 -11.41 10.59 -4.75
CA SER A 513 -12.52 11.48 -4.98
C SER A 513 -13.07 11.30 -6.44
N VAL A 514 -14.31 11.75 -6.67
CA VAL A 514 -14.93 11.71 -8.02
C VAL A 514 -14.10 12.57 -9.01
N TYR A 515 -13.25 13.45 -8.50
CA TYR A 515 -12.51 14.38 -9.37
C TYR A 515 -11.27 13.77 -9.98
N GLU A 516 -10.92 12.55 -9.57
CA GLU A 516 -9.78 11.96 -10.24
C GLU A 516 -10.17 11.30 -11.54
N THR A 517 -9.92 12.06 -12.62
CA THR A 517 -10.43 11.75 -13.93
C THR A 517 -9.29 11.75 -14.94
N TYR A 518 -9.60 11.30 -16.14
CA TYR A 518 -8.66 11.41 -17.23
C TYR A 518 -8.20 12.88 -17.39
N GLU A 519 -9.14 13.81 -17.26
CA GLU A 519 -8.78 15.23 -17.48
C GLU A 519 -7.81 15.75 -16.45
N LEU A 520 -8.00 15.36 -15.19
CA LEU A 520 -7.02 15.63 -14.17
C LEU A 520 -5.60 15.30 -14.62
N VAL A 521 -5.41 14.07 -15.13
CA VAL A 521 -4.09 13.64 -15.50
C VAL A 521 -3.57 14.38 -16.74
N GLU A 522 -4.40 14.41 -17.78
CA GLU A 522 -4.02 14.97 -19.07
C GLU A 522 -3.77 16.49 -18.99
N LYS A 523 -4.54 17.19 -18.15
CA LYS A 523 -4.38 18.63 -18.03
C LYS A 523 -3.31 19.03 -17.03
N PHE A 524 -3.27 18.37 -15.88
CA PHE A 524 -2.51 18.91 -14.74
C PHE A 524 -1.31 18.09 -14.31
N TYR A 525 -1.30 16.79 -14.59
CA TYR A 525 -0.18 15.96 -14.15
C TYR A 525 0.84 15.65 -15.21
N ASP A 526 0.38 15.18 -16.37
CA ASP A 526 1.30 14.60 -17.33
C ASP A 526 0.81 14.71 -18.76
N PRO A 527 0.69 15.96 -19.25
CA PRO A 527 0.11 16.19 -20.58
C PRO A 527 0.78 15.44 -21.72
N MET A 528 2.10 15.25 -21.64
N MET A 528 2.10 15.25 -21.64
CA MET A 528 2.85 14.54 -22.67
CA MET A 528 2.87 14.53 -22.68
C MET A 528 3.09 13.05 -22.33
C MET A 528 2.94 13.01 -22.43
N PHE A 529 2.46 12.59 -21.25
CA PHE A 529 2.59 11.18 -20.81
C PHE A 529 4.04 10.69 -20.70
N LYS A 530 4.93 11.64 -20.48
CA LYS A 530 6.34 11.31 -20.35
C LYS A 530 6.66 10.74 -18.97
N TYR A 531 5.97 11.17 -17.92
CA TYR A 531 6.22 10.56 -16.59
C TYR A 531 5.66 9.13 -16.56
N HIS A 532 4.48 8.92 -17.15
CA HIS A 532 3.93 7.57 -17.35
C HIS A 532 4.93 6.71 -18.11
N LEU A 533 5.48 7.23 -19.20
CA LEU A 533 6.40 6.43 -19.97
C LEU A 533 7.63 6.06 -19.14
N THR A 534 8.15 6.99 -18.34
CA THR A 534 9.33 6.72 -17.51
C THR A 534 9.01 5.64 -16.50
N VAL A 535 7.83 5.75 -15.92
CA VAL A 535 7.41 4.68 -14.96
C VAL A 535 7.22 3.34 -15.66
N ALA A 536 6.70 3.33 -16.88
CA ALA A 536 6.61 2.08 -17.64
C ALA A 536 7.97 1.47 -17.91
N GLN A 537 8.96 2.31 -18.23
CA GLN A 537 10.32 1.84 -18.41
C GLN A 537 10.94 1.28 -17.13
N VAL A 538 10.63 1.88 -15.98
CA VAL A 538 11.20 1.39 -14.71
C VAL A 538 10.52 0.06 -14.38
N ARG A 539 9.19 0.05 -14.36
CA ARG A 539 8.48 -1.22 -13.99
C ARG A 539 8.73 -2.32 -15.00
N GLY A 540 8.59 -2.00 -16.28
CA GLY A 540 8.79 -3.01 -17.31
C GLY A 540 10.25 -3.43 -17.41
N GLY A 541 11.16 -2.47 -17.23
CA GLY A 541 12.59 -2.81 -17.20
C GLY A 541 12.99 -3.76 -16.07
N MET A 542 12.41 -3.53 -14.89
CA MET A 542 12.63 -4.45 -13.78
C MET A 542 12.13 -5.85 -14.12
N VAL A 543 10.90 -5.95 -14.62
CA VAL A 543 10.34 -7.26 -15.01
C VAL A 543 11.23 -7.93 -16.08
N PHE A 544 11.65 -7.15 -17.09
CA PHE A 544 12.52 -7.70 -18.13
C PHE A 544 13.80 -8.32 -17.55
N GLU A 545 14.48 -7.59 -16.68
CA GLU A 545 15.72 -8.09 -16.13
C GLU A 545 15.48 -9.29 -15.21
N LEU A 546 14.43 -9.22 -14.41
CA LEU A 546 14.13 -10.34 -13.54
C LEU A 546 13.80 -11.58 -14.34
N ALA A 547 13.09 -11.43 -15.46
CA ALA A 547 12.63 -12.59 -16.23
C ALA A 547 13.69 -13.08 -17.21
N ASN A 548 14.71 -12.25 -17.45
CA ASN A 548 15.70 -12.59 -18.52
C ASN A 548 17.14 -12.74 -18.18
N SER A 549 17.55 -12.12 -17.09
CA SER A 549 18.95 -12.22 -16.65
C SER A 549 19.33 -13.66 -16.33
N ILE A 550 20.50 -14.09 -16.78
CA ILE A 550 20.89 -15.47 -16.51
C ILE A 550 21.01 -15.76 -15.03
N VAL A 551 21.72 -14.88 -14.35
CA VAL A 551 21.79 -14.94 -12.90
C VAL A 551 20.74 -13.94 -12.41
N LEU A 552 19.92 -14.35 -11.45
CA LEU A 552 18.91 -13.43 -10.94
C LEU A 552 19.55 -12.15 -10.46
N PRO A 553 18.91 -10.99 -10.75
CA PRO A 553 19.58 -9.70 -10.46
C PRO A 553 19.34 -9.22 -9.02
N PHE A 554 19.68 -10.07 -8.05
CA PHE A 554 19.54 -9.76 -6.63
C PHE A 554 20.92 -9.71 -6.02
N ASP A 555 21.16 -8.73 -5.14
CA ASP A 555 22.46 -8.68 -4.46
C ASP A 555 22.28 -8.87 -2.96
N CYS A 556 22.58 -10.08 -2.48
CA CYS A 556 22.41 -10.35 -1.03
C CYS A 556 23.23 -9.45 -0.13
N ARG A 557 24.34 -8.88 -0.61
CA ARG A 557 25.12 -7.97 0.26
C ARG A 557 24.35 -6.70 0.66
N ASP A 558 23.38 -6.30 -0.17
CA ASP A 558 22.58 -5.12 0.16
C ASP A 558 21.64 -5.44 1.36
N TYR A 559 21.20 -6.68 1.47
CA TYR A 559 20.41 -7.05 2.66
C TYR A 559 21.33 -6.97 3.89
N ALA A 560 22.58 -7.42 3.75
CA ALA A 560 23.49 -7.38 4.91
C ALA A 560 23.67 -5.93 5.42
N VAL A 561 23.86 -4.99 4.50
CA VAL A 561 23.99 -3.59 4.91
C VAL A 561 22.76 -3.09 5.68
N VAL A 562 21.57 -3.34 5.15
CA VAL A 562 20.37 -2.81 5.85
C VAL A 562 20.12 -3.51 7.19
N LEU A 563 20.43 -4.80 7.27
CA LEU A 563 20.17 -5.55 8.53
C LEU A 563 20.99 -4.91 9.65
N ARG A 564 22.19 -4.44 9.32
CA ARG A 564 23.02 -3.77 10.34
C ARG A 564 22.41 -2.45 10.78
N LYS A 565 21.95 -1.65 9.82
CA LYS A 565 21.24 -0.41 10.10
CA LYS A 565 21.25 -0.40 10.13
C LYS A 565 20.01 -0.65 10.98
N TYR A 566 19.23 -1.69 10.64
CA TYR A 566 17.98 -1.96 11.41
C TYR A 566 18.34 -2.48 12.80
N ALA A 567 19.42 -3.25 12.91
CA ALA A 567 19.86 -3.73 14.22
C ALA A 567 20.31 -2.56 15.11
N ASP A 568 21.13 -1.68 14.54
CA ASP A 568 21.53 -0.42 15.23
C ASP A 568 20.28 0.37 15.71
N LYS A 569 19.26 0.49 14.85
CA LYS A 569 18.10 1.28 15.16
C LYS A 569 17.29 0.68 16.31
N ILE A 570 17.05 -0.63 16.25
CA ILE A 570 16.24 -1.28 17.31
C ILE A 570 17.01 -1.30 18.66
N TYR A 571 18.33 -1.55 18.59
CA TYR A 571 19.16 -1.45 19.81
C TYR A 571 19.03 -0.03 20.42
N SER A 572 19.06 1.00 19.57
CA SER A 572 18.99 2.38 20.06
C SER A 572 17.65 2.70 20.73
N ILE A 573 16.55 2.13 20.21
CA ILE A 573 15.26 2.27 20.85
C ILE A 573 15.25 1.62 22.24
N SER A 574 15.83 0.43 22.34
CA SER A 574 15.83 -0.31 23.61
C SER A 574 16.67 0.45 24.63
N MET A 575 17.75 1.02 24.12
CA MET A 575 18.69 1.77 25.02
C MET A 575 18.16 3.07 25.61
N LYS A 576 16.96 3.48 25.24
CA LYS A 576 16.26 4.53 25.99
C LYS A 576 15.85 4.03 27.41
N HIS A 577 16.01 2.72 27.67
CA HIS A 577 15.59 2.06 28.92
C HIS A 577 16.76 1.29 29.56
N PRO A 578 17.87 1.97 29.87
CA PRO A 578 19.06 1.26 30.31
C PRO A 578 18.87 0.51 31.61
N GLN A 579 18.10 1.07 32.56
CA GLN A 579 17.93 0.36 33.83
C GLN A 579 17.21 -0.98 33.63
N GLU A 580 16.17 -1.00 32.78
CA GLU A 580 15.44 -2.25 32.53
C GLU A 580 16.29 -3.23 31.77
N MET A 581 17.13 -2.74 30.86
CA MET A 581 18.00 -3.67 30.16
C MET A 581 18.98 -4.34 31.12
N LYS A 582 19.41 -3.60 32.16
CA LYS A 582 20.29 -4.21 33.16
C LYS A 582 19.54 -5.24 34.01
N THR A 583 18.36 -4.84 34.49
CA THR A 583 17.55 -5.66 35.41
C THR A 583 17.13 -6.97 34.81
N TYR A 584 16.67 -6.88 33.56
CA TYR A 584 16.17 -8.07 32.87
C TYR A 584 17.18 -8.70 31.92
N SER A 585 18.44 -8.23 31.95
CA SER A 585 19.53 -8.84 31.17
C SER A 585 19.17 -8.91 29.68
N VAL A 586 18.75 -7.77 29.16
CA VAL A 586 18.30 -7.70 27.74
C VAL A 586 19.53 -7.45 26.86
N SER A 587 19.97 -8.47 26.14
CA SER A 587 21.15 -8.33 25.26
C SER A 587 20.77 -8.43 23.79
N PHE A 588 21.34 -7.53 22.97
CA PHE A 588 21.18 -7.63 21.51
C PHE A 588 22.36 -8.37 20.89
N ASP A 589 23.23 -8.95 21.73
CA ASP A 589 24.44 -9.59 21.19
C ASP A 589 24.14 -10.67 20.14
N SER A 590 23.10 -11.48 20.36
CA SER A 590 22.80 -12.55 19.41
C SER A 590 22.39 -11.94 18.05
N LEU A 591 21.63 -10.87 18.09
CA LEU A 591 21.18 -10.28 16.82
C LEU A 591 22.36 -9.66 16.04
N PHE A 592 23.26 -8.95 16.74
CA PHE A 592 24.43 -8.44 16.04
C PHE A 592 25.31 -9.54 15.49
N SER A 593 25.45 -10.62 16.26
CA SER A 593 26.21 -11.79 15.80
C SER A 593 25.62 -12.36 14.51
N ALA A 594 24.30 -12.54 14.50
CA ALA A 594 23.66 -13.05 13.30
C ALA A 594 23.87 -12.13 12.09
N VAL A 595 23.78 -10.82 12.32
CA VAL A 595 23.96 -9.84 11.23
C VAL A 595 25.41 -9.94 10.72
N LYS A 596 26.34 -10.05 11.64
CA LYS A 596 27.77 -10.21 11.27
C LYS A 596 28.02 -11.48 10.44
N ASN A 597 27.39 -12.58 10.86
CA ASN A 597 27.47 -13.81 10.11
C ASN A 597 26.84 -13.69 8.73
N PHE A 598 25.66 -13.05 8.66
CA PHE A 598 25.00 -12.84 7.40
C PHE A 598 25.94 -12.05 6.45
N THR A 599 26.55 -11.00 6.98
CA THR A 599 27.46 -10.17 6.15
C THR A 599 28.62 -11.01 5.58
N GLU A 600 29.22 -11.84 6.43
CA GLU A 600 30.37 -12.65 6.03
C GLU A 600 29.95 -13.69 5.01
N ILE A 601 28.83 -14.39 5.26
CA ILE A 601 28.39 -15.45 4.36
C ILE A 601 27.92 -14.86 3.04
N ALA A 602 27.23 -13.72 3.08
CA ALA A 602 26.76 -13.07 1.86
C ALA A 602 27.98 -12.66 1.00
N SER A 603 29.03 -12.17 1.65
CA SER A 603 30.27 -11.79 0.88
C SER A 603 30.86 -13.00 0.16
N LYS A 604 30.93 -14.13 0.86
CA LYS A 604 31.46 -15.33 0.26
C LYS A 604 30.56 -15.88 -0.85
N PHE A 605 29.24 -15.86 -0.63
CA PHE A 605 28.32 -16.26 -1.68
C PHE A 605 28.48 -15.38 -2.96
N SER A 606 28.61 -14.07 -2.78
CA SER A 606 28.76 -13.14 -3.91
C SER A 606 30.03 -13.52 -4.72
N GLU A 607 31.09 -13.87 -4.01
CA GLU A 607 32.36 -14.28 -4.68
C GLU A 607 32.13 -15.54 -5.51
N ARG A 608 31.46 -16.55 -4.92
CA ARG A 608 31.14 -17.75 -5.70
C ARG A 608 30.28 -17.44 -6.87
N LEU A 609 29.33 -16.50 -6.70
CA LEU A 609 28.40 -16.20 -7.77
C LEU A 609 29.12 -15.53 -8.94
N GLN A 610 30.17 -14.78 -8.62
CA GLN A 610 30.88 -14.07 -9.67
C GLN A 610 31.86 -15.00 -10.35
N ASP A 611 32.32 -16.02 -9.62
CA ASP A 611 33.45 -16.88 -10.01
C ASP A 611 33.04 -18.33 -10.35
N PHE A 612 31.75 -18.65 -10.37
CA PHE A 612 31.40 -20.05 -10.68
C PHE A 612 31.40 -20.31 -12.17
N SER A 615 29.71 -22.38 -17.23
N SER A 615 27.01 -22.04 -18.11
CA SER A 615 29.09 -23.37 -18.07
CA SER A 615 26.49 -22.96 -19.14
C SER A 615 28.17 -24.38 -17.36
C SER A 615 26.28 -24.36 -18.55
N ASN A 616 28.07 -24.32 -16.03
N ASN A 616 26.45 -24.50 -17.24
CA ASN A 616 27.32 -25.32 -15.27
CA ASN A 616 26.06 -25.75 -16.62
C ASN A 616 25.92 -24.87 -14.85
C ASN A 616 24.63 -25.55 -16.08
N PRO A 617 24.88 -25.47 -15.47
N PRO A 617 23.61 -26.11 -16.76
CA PRO A 617 23.57 -24.84 -15.31
CA PRO A 617 22.24 -25.83 -16.26
C PRO A 617 22.98 -25.28 -13.97
C PRO A 617 21.92 -26.18 -14.78
N ILE A 618 23.49 -26.38 -13.42
N ILE A 618 22.40 -27.30 -14.23
CA ILE A 618 23.07 -26.88 -12.10
CA ILE A 618 22.07 -27.59 -12.81
C ILE A 618 23.58 -25.93 -11.02
C ILE A 618 22.84 -26.74 -11.81
N VAL A 619 24.88 -25.60 -11.08
N VAL A 619 24.10 -26.49 -12.10
CA VAL A 619 25.44 -24.65 -10.14
CA VAL A 619 24.83 -25.57 -11.23
C VAL A 619 24.71 -23.31 -10.27
C VAL A 619 24.19 -24.15 -11.24
N LEU A 620 24.50 -22.85 -11.51
N LEU A 620 23.78 -23.66 -12.40
CA LEU A 620 23.77 -21.59 -11.75
CA LEU A 620 23.14 -22.36 -12.49
C LEU A 620 22.42 -21.62 -11.05
C LEU A 620 21.79 -22.40 -11.75
N ARG A 621 21.65 -22.68 -11.29
N ARG A 621 21.12 -23.52 -11.84
CA ARG A 621 20.28 -22.70 -10.84
CA ARG A 621 19.86 -23.67 -11.10
C ARG A 621 20.27 -23.00 -9.39
C ARG A 621 20.01 -23.50 -9.55
N MET A 622 21.14 -23.94 -8.96
CA MET A 622 21.36 -24.02 -7.52
CA MET A 622 21.41 -23.97 -7.50
C MET A 622 21.62 -22.61 -6.93
N MET A 623 22.51 -21.80 -7.57
CA MET A 623 22.71 -20.50 -6.99
C MET A 623 21.51 -19.54 -7.27
N ASN A 624 20.80 -19.70 -8.39
CA ASN A 624 19.58 -18.86 -8.59
C ASN A 624 18.51 -19.26 -7.54
N ASP A 625 18.45 -20.53 -7.20
CA ASP A 625 17.49 -20.97 -6.14
C ASP A 625 17.90 -20.36 -4.82
N GLN A 626 19.20 -20.35 -4.51
CA GLN A 626 19.66 -19.66 -3.29
C GLN A 626 19.27 -18.21 -3.30
N LEU A 627 19.40 -17.54 -4.43
CA LEU A 627 18.94 -16.15 -4.52
C LEU A 627 17.41 -15.99 -4.37
N MET A 628 16.66 -16.89 -5.01
CA MET A 628 15.19 -16.79 -5.02
C MET A 628 14.66 -17.07 -3.59
N PHE A 629 15.26 -18.04 -2.94
CA PHE A 629 14.76 -18.44 -1.57
C PHE A 629 15.31 -17.60 -0.43
N LEU A 630 16.16 -16.61 -0.73
CA LEU A 630 16.70 -15.78 0.33
C LEU A 630 15.62 -14.91 0.96
N GLU A 631 14.78 -14.26 0.15
CA GLU A 631 13.67 -13.51 0.74
C GLU A 631 12.75 -14.49 1.50
N ARG A 632 12.59 -15.68 0.96
CA ARG A 632 11.70 -16.68 1.56
C ARG A 632 12.22 -17.06 2.96
N ALA A 633 13.53 -17.00 3.15
CA ALA A 633 14.09 -17.42 4.44
C ALA A 633 13.73 -16.50 5.59
N PHE A 634 13.31 -15.27 5.29
CA PHE A 634 12.91 -14.36 6.36
C PHE A 634 11.50 -14.57 6.87
N ILE A 635 10.79 -15.54 6.30
CA ILE A 635 9.42 -15.87 6.72
C ILE A 635 9.47 -16.78 7.92
N ASP A 636 8.68 -16.46 8.95
CA ASP A 636 8.47 -17.35 10.09
C ASP A 636 7.09 -17.95 9.96
N PRO A 637 7.02 -19.28 9.93
CA PRO A 637 5.72 -19.90 9.66
C PRO A 637 4.76 -19.71 10.83
N LEU A 638 5.22 -19.19 11.96
CA LEU A 638 4.27 -18.96 13.08
C LEU A 638 3.71 -17.53 13.03
N GLY A 639 4.20 -16.72 12.09
CA GLY A 639 3.74 -15.32 11.93
C GLY A 639 4.21 -14.40 13.04
N LEU A 640 3.92 -13.11 12.96
CA LEU A 640 4.18 -12.18 14.05
C LEU A 640 3.08 -12.26 15.11
N PRO A 641 3.36 -11.78 16.35
CA PRO A 641 2.34 -11.87 17.43
C PRO A 641 0.97 -11.30 17.09
N ASP A 642 -0.05 -12.15 17.20
CA ASP A 642 -1.45 -11.84 16.85
C ASP A 642 -1.67 -11.34 15.43
N ARG A 643 -0.66 -11.51 14.58
CA ARG A 643 -0.80 -11.16 13.14
C ARG A 643 -0.25 -12.31 12.31
N PRO A 644 -1.02 -13.41 12.26
CA PRO A 644 -0.51 -14.63 11.64
C PRO A 644 -0.21 -14.53 10.14
N PHE A 645 -0.78 -13.55 9.45
CA PHE A 645 -0.55 -13.39 8.02
C PHE A 645 0.56 -12.39 7.69
N TYR A 646 1.17 -11.81 8.73
CA TYR A 646 2.39 -11.03 8.49
C TYR A 646 3.50 -11.94 9.03
N ARG A 647 4.28 -12.55 8.13
CA ARG A 647 5.22 -13.65 8.51
C ARG A 647 6.69 -13.22 8.30
N HIS A 648 6.92 -12.04 7.71
CA HIS A 648 8.32 -11.64 7.39
C HIS A 648 8.89 -11.07 8.72
N VAL A 649 10.09 -11.50 9.11
CA VAL A 649 10.63 -11.13 10.43
C VAL A 649 11.37 -9.80 10.32
N ILE A 650 11.81 -9.46 9.11
CA ILE A 650 12.55 -8.19 8.98
C ILE A 650 11.62 -7.00 8.77
N TYR A 651 10.52 -7.20 8.02
CA TYR A 651 9.61 -6.12 7.70
C TYR A 651 8.19 -6.49 8.05
N ALA A 652 7.39 -5.52 8.50
CA ALA A 652 5.92 -5.70 8.49
C ALA A 652 5.32 -4.31 8.35
N PRO A 653 4.05 -4.26 7.95
CA PRO A 653 3.37 -2.97 7.98
C PRO A 653 3.33 -2.50 9.43
N SER A 654 3.60 -1.21 9.64
CA SER A 654 3.58 -0.66 10.98
C SER A 654 2.22 -0.87 11.66
N SER A 655 2.26 -1.29 12.94
CA SER A 655 1.02 -1.47 13.73
C SER A 655 0.24 -0.17 13.96
N HIS A 656 0.88 0.96 13.69
CA HIS A 656 0.25 2.30 13.85
C HIS A 656 -0.09 2.94 12.52
N ASN A 657 0.33 2.32 11.42
CA ASN A 657 0.14 2.94 10.09
C ASN A 657 0.46 1.90 9.04
N LYS A 658 -0.55 1.24 8.52
CA LYS A 658 -0.25 0.13 7.63
C LYS A 658 0.48 0.55 6.35
N TYR A 659 0.43 1.83 5.99
CA TYR A 659 1.15 2.28 4.80
C TYR A 659 2.66 2.27 4.97
N ALA A 660 3.12 2.40 6.21
CA ALA A 660 4.57 2.48 6.47
C ALA A 660 5.17 1.08 6.75
N GLY A 661 6.34 0.77 6.19
CA GLY A 661 7.01 -0.45 6.68
C GLY A 661 7.74 -0.20 7.98
N GLU A 662 7.79 -1.21 8.84
CA GLU A 662 8.58 -1.17 10.07
C GLU A 662 9.64 -2.27 9.98
N SER A 663 10.87 -1.99 10.44
CA SER A 663 11.89 -3.03 10.49
C SER A 663 11.94 -3.70 11.85
N PHE A 664 12.38 -4.96 11.88
CA PHE A 664 12.32 -5.82 13.10
C PHE A 664 11.03 -5.57 13.85
N PRO A 665 9.88 -5.76 13.16
CA PRO A 665 8.60 -5.38 13.72
C PRO A 665 8.28 -6.11 15.00
N GLY A 666 8.74 -7.37 15.16
CA GLY A 666 8.36 -8.13 16.38
C GLY A 666 9.03 -7.43 17.60
N ILE A 667 10.29 -7.05 17.44
CA ILE A 667 11.00 -6.35 18.55
C ILE A 667 10.45 -4.93 18.70
N TYR A 668 10.18 -4.24 17.59
CA TYR A 668 9.69 -2.88 17.66
C TYR A 668 8.38 -2.81 18.47
N ASP A 669 7.45 -3.69 18.11
CA ASP A 669 6.18 -3.73 18.83
C ASP A 669 6.33 -4.17 20.30
N ALA A 670 7.24 -5.08 20.60
CA ALA A 670 7.47 -5.46 22.01
C ALA A 670 8.01 -4.25 22.82
N LEU A 671 8.79 -3.39 22.18
CA LEU A 671 9.35 -2.19 22.89
C LEU A 671 8.42 -1.00 22.95
N PHE A 672 7.42 -0.98 22.07
CA PHE A 672 6.61 0.23 21.92
C PHE A 672 5.79 0.52 23.19
N ASP A 673 5.99 1.73 23.71
CA ASP A 673 5.24 2.20 24.90
C ASP A 673 5.48 1.23 26.07
N ILE A 674 6.68 0.62 26.13
CA ILE A 674 6.91 -0.44 27.12
C ILE A 674 6.86 0.12 28.56
N GLU A 675 7.22 1.39 28.71
CA GLU A 675 7.22 2.07 30.03
C GLU A 675 5.83 2.19 30.65
N SER A 676 4.80 1.90 29.86
CA SER A 676 3.41 1.93 30.34
C SER A 676 2.83 0.59 30.69
N LYS A 677 3.56 -0.51 30.44
CA LYS A 677 3.06 -1.85 30.73
C LYS A 677 3.10 -2.10 32.23
N VAL A 678 2.09 -2.78 32.74
CA VAL A 678 1.97 -2.95 34.21
C VAL A 678 2.90 -4.02 34.76
N ASP A 679 3.29 -4.99 33.93
CA ASP A 679 4.16 -6.09 34.37
C ASP A 679 5.47 -6.00 33.56
N PRO A 680 6.43 -5.19 34.03
CA PRO A 680 7.64 -4.98 33.25
C PRO A 680 8.44 -6.27 33.01
N SER A 681 8.42 -7.22 33.94
CA SER A 681 9.17 -8.46 33.77
CA SER A 681 9.18 -8.45 33.76
C SER A 681 8.64 -9.20 32.55
N LYS A 682 7.31 -9.27 32.46
CA LYS A 682 6.69 -9.94 31.34
C LYS A 682 6.97 -9.22 30.00
N ALA A 683 6.85 -7.88 30.03
CA ALA A 683 7.05 -7.03 28.84
C ALA A 683 8.48 -7.17 28.32
N TRP A 684 9.46 -7.08 29.22
CA TRP A 684 10.86 -7.26 28.79
C TRP A 684 11.20 -8.69 28.39
N GLY A 685 10.55 -9.68 29.02
CA GLY A 685 10.66 -11.08 28.58
C GLY A 685 10.28 -11.22 27.13
N GLU A 686 9.21 -10.53 26.76
CA GLU A 686 8.72 -10.60 25.37
C GLU A 686 9.67 -9.85 24.41
N VAL A 687 10.27 -8.74 24.85
CA VAL A 687 11.37 -8.16 24.06
C VAL A 687 12.48 -9.19 23.83
N LYS A 688 12.93 -9.90 24.88
CA LYS A 688 14.02 -10.87 24.69
C LYS A 688 13.58 -12.01 23.76
N ARG A 689 12.31 -12.42 23.91
CA ARG A 689 11.85 -13.45 22.99
C ARG A 689 11.94 -13.01 21.53
N GLN A 690 11.55 -11.76 21.27
CA GLN A 690 11.59 -11.26 19.88
C GLN A 690 13.02 -11.08 19.39
N ILE A 691 13.95 -10.71 20.29
CA ILE A 691 15.36 -10.64 19.87
C ILE A 691 15.85 -12.02 19.44
N TYR A 692 15.53 -13.06 20.22
CA TYR A 692 15.87 -14.45 19.87
C TYR A 692 15.27 -14.86 18.52
N VAL A 693 13.99 -14.54 18.31
CA VAL A 693 13.37 -14.94 17.01
C VAL A 693 14.05 -14.22 15.83
N ALA A 694 14.36 -12.94 16.04
CA ALA A 694 15.02 -12.16 14.99
C ALA A 694 16.45 -12.64 14.73
N ALA A 695 17.21 -12.91 15.80
CA ALA A 695 18.61 -13.39 15.59
C ALA A 695 18.61 -14.74 14.93
N PHE A 696 17.71 -15.62 15.39
CA PHE A 696 17.65 -16.94 14.77
C PHE A 696 17.29 -16.85 13.28
N THR A 697 16.33 -16.00 12.95
CA THR A 697 15.83 -15.95 11.54
C THR A 697 16.94 -15.36 10.67
N VAL A 698 17.62 -14.32 11.16
CA VAL A 698 18.78 -13.76 10.37
C VAL A 698 19.82 -14.83 10.12
N GLN A 699 20.22 -15.54 11.17
CA GLN A 699 21.22 -16.61 11.01
C GLN A 699 20.73 -17.71 10.05
N ALA A 700 19.46 -18.10 10.17
CA ALA A 700 18.91 -19.14 9.31
C ALA A 700 18.92 -18.68 7.85
N ALA A 701 18.59 -17.42 7.60
CA ALA A 701 18.59 -16.86 6.24
C ALA A 701 20.03 -16.87 5.73
N ALA A 702 20.95 -16.45 6.60
CA ALA A 702 22.37 -16.49 6.19
C ALA A 702 22.82 -17.85 5.78
N GLU A 703 22.42 -18.86 6.56
CA GLU A 703 22.81 -20.23 6.27
C GLU A 703 22.29 -20.79 4.95
N THR A 704 21.24 -20.18 4.38
CA THR A 704 20.75 -20.62 3.07
C THR A 704 21.72 -20.21 1.97
N LEU A 705 22.60 -19.26 2.29
CA LEU A 705 23.64 -18.79 1.32
C LEU A 705 24.96 -19.54 1.50
N SER A 706 25.10 -20.34 2.56
CA SER A 706 26.33 -21.17 2.69
C SER A 706 26.45 -22.21 1.57
N GLU A 707 27.64 -22.77 1.34
CA GLU A 707 27.69 -23.92 0.43
C GLU A 707 26.70 -25.00 0.85
N VAL A 708 26.04 -25.60 -0.12
CA VAL A 708 24.84 -26.41 0.21
C VAL A 708 25.20 -27.76 0.81
N ALA A 709 26.46 -28.18 0.62
CA ALA A 709 26.93 -29.52 1.10
C ALA A 709 28.43 -29.59 0.91
C1 NAG B . -12.04 0.78 -24.96
C2 NAG B . -13.41 1.21 -25.49
C3 NAG B . -14.21 0.02 -26.00
C4 NAG B . -13.40 -0.88 -26.92
C5 NAG B . -12.02 -1.12 -26.34
C6 NAG B . -11.13 -1.93 -27.29
C7 NAG B . -14.28 3.20 -24.43
C8 NAG B . -15.02 3.81 -23.29
N2 NAG B . -14.12 1.87 -24.41
O3 NAG B . -15.27 0.50 -26.78
O4 NAG B . -14.10 -2.11 -27.02
O5 NAG B . -11.37 0.10 -26.01
O6 NAG B . -10.95 -1.18 -28.46
O7 NAG B . -13.82 3.91 -25.33
C1 NAG B . -14.32 -2.48 -28.39
C2 NAG B . -14.65 -3.97 -28.44
C3 NAG B . -15.14 -4.42 -29.83
C4 NAG B . -16.13 -3.46 -30.48
C5 NAG B . -15.62 -2.00 -30.35
C6 NAG B . -16.66 -0.99 -30.85
C7 NAG B . -13.23 -5.40 -26.93
C8 NAG B . -14.17 -5.16 -25.81
N2 NAG B . -13.50 -4.81 -28.12
O3 NAG B . -15.71 -5.71 -29.67
O4 NAG B . -16.31 -3.80 -31.86
O5 NAG B . -15.36 -1.71 -28.98
O6 NAG B . -17.74 -1.02 -29.93
O7 NAG B . -12.22 -6.12 -26.78
C1 NAG C . -31.75 17.01 7.19
C2 NAG C . -32.77 18.17 7.14
C3 NAG C . -34.03 17.80 7.94
C4 NAG C . -34.55 16.42 7.56
C5 NAG C . -33.41 15.37 7.47
C6 NAG C . -33.87 13.99 6.96
C7 NAG C . -31.81 20.42 6.94
C8 NAG C . -31.23 21.62 7.64
N2 NAG C . -32.20 19.40 7.70
O3 NAG C . -35.02 18.77 7.64
O4 NAG C . -35.50 16.03 8.54
O5 NAG C . -32.37 15.86 6.64
O6 NAG C . -34.36 14.10 5.65
O7 NAG C . -31.90 20.43 5.72
C1 NAG C . -36.72 15.55 7.91
C2 NAG C . -37.44 14.65 8.92
C3 NAG C . -38.77 14.16 8.33
C4 NAG C . -39.60 15.31 7.77
C5 NAG C . -38.74 16.03 6.72
C6 NAG C . -39.50 17.09 5.93
C7 NAG C . -35.80 13.50 10.37
C8 NAG C . -35.02 12.25 10.60
N2 NAG C . -36.60 13.52 9.30
O3 NAG C . -39.50 13.49 9.34
O4 NAG C . -40.84 14.81 7.26
O5 NAG C . -37.59 16.56 7.39
O6 NAG C . -39.59 18.25 6.72
O7 NAG C . -35.66 14.45 11.15
C1 NAG D . 24.92 -3.45 -11.36
C2 NAG D . 24.92 -4.98 -11.23
C3 NAG D . 26.24 -5.43 -10.67
C4 NAG D . 27.40 -4.82 -11.49
C5 NAG D . 27.25 -3.28 -11.58
C6 NAG D . 28.33 -2.59 -12.46
C7 NAG D . 22.91 -6.29 -10.64
C8 NAG D . 22.98 -6.86 -12.02
N2 NAG D . 23.85 -5.43 -10.30
O3 NAG D . 26.27 -6.84 -10.78
O4 NAG D . 28.58 -5.13 -10.78
O5 NAG D . 26.01 -3.07 -12.23
O6 NAG D . 28.27 -3.22 -13.73
O7 NAG D . 22.01 -6.68 -9.81
C1 NAG D . 29.54 -5.77 -11.66
C2 NAG D . 30.86 -5.75 -10.91
C3 NAG D . 31.97 -6.49 -11.67
C4 NAG D . 31.50 -7.90 -12.05
C5 NAG D . 30.15 -7.82 -12.76
C6 NAG D . 29.59 -9.22 -13.06
C7 NAG D . 31.14 -3.88 -9.34
C8 NAG D . 30.61 -4.72 -8.20
N2 NAG D . 31.22 -4.38 -10.58
O3 NAG D . 33.12 -6.54 -10.83
O4 NAG D . 32.48 -8.58 -12.84
O5 NAG D . 29.17 -7.09 -11.99
O6 NAG D . 29.49 -9.94 -11.83
O7 NAG D . 31.46 -2.72 -9.08
C1 NAG E . 27.65 -16.76 14.05
C2 NAG E . 26.65 -17.47 14.97
C3 NAG E . 27.44 -18.15 16.10
C4 NAG E . 28.52 -19.09 15.52
C5 NAG E . 29.39 -18.34 14.47
C6 NAG E . 30.33 -19.34 13.77
C7 NAG E . 24.37 -16.86 15.64
C8 NAG E . 23.52 -15.76 16.20
N2 NAG E . 25.68 -16.54 15.52
O3 NAG E . 26.54 -18.86 16.93
O4 NAG E . 29.45 -19.45 16.52
O5 NAG E . 28.52 -17.77 13.51
O6 NAG E . 31.40 -18.70 13.09
O7 NAG E . 23.92 -17.95 15.29
C1 NAG E . 28.96 -20.50 17.38
C2 NAG E . 30.03 -21.56 17.63
C3 NAG E . 29.59 -22.56 18.72
C4 NAG E . 29.20 -21.76 19.96
C5 NAG E . 28.09 -20.80 19.50
C6 NAG E . 27.44 -20.02 20.63
C7 NAG E . 31.58 -22.08 15.82
C8 NAG E . 32.59 -21.11 16.36
N2 NAG E . 30.39 -22.26 16.43
O3 NAG E . 30.72 -23.40 18.97
O4 NAG E . 28.59 -22.54 20.97
O5 NAG E . 28.67 -19.89 18.60
O6 NAG E . 28.43 -19.15 21.11
O7 NAG E . 31.82 -22.69 14.78
C1 BMA E . 29.55 -23.11 21.85
C2 BMA E . 28.91 -23.23 23.23
C3 BMA E . 29.79 -23.98 24.19
C4 BMA E . 30.17 -25.33 23.56
C5 BMA E . 30.76 -25.11 22.19
C6 BMA E . 31.13 -26.42 21.51
O2 BMA E . 27.66 -23.94 23.09
O3 BMA E . 29.01 -24.18 25.37
O4 BMA E . 31.06 -26.02 24.41
O5 BMA E . 29.81 -24.41 21.37
O6 BMA E . 31.57 -26.09 20.19
C1 MAN E . 29.78 -23.84 26.56
C2 MAN E . 29.05 -24.50 27.75
C3 MAN E . 27.73 -23.79 28.05
C4 MAN E . 27.93 -22.27 28.16
C5 MAN E . 28.67 -21.77 26.92
C6 MAN E . 28.84 -20.25 26.89
O2 MAN E . 29.92 -24.45 28.86
O3 MAN E . 27.08 -24.22 29.23
O4 MAN E . 26.67 -21.63 28.28
O5 MAN E . 29.93 -22.45 26.75
O6 MAN E . 29.70 -19.85 27.94
C1 NAG F . -32.08 -0.10 1.97
C2 NAG F . -32.37 -1.53 2.38
C3 NAG F . -33.84 -1.94 2.24
C4 NAG F . -34.84 -0.81 2.59
C5 NAG F . -34.38 0.59 2.13
C6 NAG F . -35.33 1.67 2.67
C7 NAG F . -30.56 -3.13 2.14
C8 NAG F . -30.49 -3.21 3.64
N2 NAG F . -31.47 -2.34 1.59
O3 NAG F . -34.03 -2.99 3.16
O4 NAG F . -36.16 -1.07 2.10
O5 NAG F . -33.01 0.80 2.55
O6 NAG F . -34.71 2.91 2.92
O7 NAG F . -29.79 -3.79 1.45
C1 NAG G . -14.04 7.35 30.59
C2 NAG G . -13.43 6.69 31.83
C3 NAG G . -14.03 5.30 32.03
C4 NAG G . -15.56 5.36 32.12
C5 NAG G . -16.11 6.08 30.87
C6 NAG G . -17.64 6.25 30.88
C7 NAG G . -11.15 7.58 32.18
C8 NAG G . -9.68 7.28 32.04
N2 NAG G . -11.98 6.60 31.76
O3 NAG G . -13.50 4.78 33.21
O4 NAG G . -16.07 4.05 32.25
O5 NAG G . -15.47 7.35 30.72
O6 NAG G . -18.13 6.77 32.10
O7 NAG G . -11.52 8.66 32.65
C1 NAG H . 3.91 19.74 -12.67
C2 NAG H . 3.06 20.05 -11.42
C3 NAG H . 2.88 21.58 -11.29
C4 NAG H . 4.25 22.29 -11.17
C5 NAG H . 5.11 21.84 -12.36
C6 NAG H . 6.49 22.52 -12.42
C7 NAG H . 1.45 18.57 -10.33
C8 NAG H . 0.11 17.88 -10.31
N2 NAG H . 1.78 19.33 -11.38
O3 NAG H . 2.14 21.92 -10.15
O4 NAG H . 4.12 23.71 -11.11
O5 NAG H . 5.17 20.40 -12.45
O6 NAG H . 7.20 22.39 -11.20
O7 NAG H . 2.15 18.43 -9.35
ZN ZN I . -6.92 3.43 -3.91
ZN ZN J . -5.01 1.83 -6.04
CA CA K . -9.53 -16.04 1.72
CL CL L . 2.39 0.88 -6.91
CAP 2QS M . -5.84 -2.59 1.71
CAP 2QS M . -5.38 -1.39 1.34
OAU 2QS M . -6.83 -1.91 2.38
OAU 2QS M . -4.96 0.00 1.66
CBB 2QS M . -6.63 -1.69 0.91
CBB 2QS M . -6.38 -0.28 1.31
CAQ 2QS M . -5.63 -0.56 0.39
CAQ 2QS M . -6.84 -0.08 -0.09
CBD 2QS M . -6.03 0.88 -0.14
CBD 2QS M . -6.45 1.32 -0.69
CAW 2QS M . -6.43 1.95 0.89
CAW 2QS M . -6.50 2.40 0.45
OAF 2QS M . -5.53 2.41 1.62
OAF 2QS M . -5.42 2.73 1.00
OAB 2QS M . -7.61 2.41 0.86
OAB 2QS M . -7.62 2.88 0.78
NAT 2QS M . -4.69 1.34 -0.59
NAT 2QS M . -5.06 1.36 -1.25
CAX 2QS M . -4.41 2.55 -1.07
CAX 2QS M . -4.65 2.54 -1.72
OAC 2QS M . -5.26 3.43 -1.21
OAC 2QS M . -5.48 3.47 -1.81
N 2QS M . -3.12 2.69 -1.32
N 2QS M . -3.38 2.72 -2.00
CA 2QS M . -2.50 3.91 -1.85
CA 2QS M . -2.79 3.98 -2.50
C 2QS M . -1.23 3.52 -2.60
C 2QS M . -1.51 3.65 -3.27
OXT 2QS M . -1.02 4.11 -3.69
OXT 2QS M . -1.31 4.33 -4.30
O 2QS M . -0.48 2.64 -2.08
O 2QS M . -0.77 2.70 -2.86
CB 2QS M . -2.09 4.81 -0.67
CB 2QS M . -2.46 4.84 -1.24
CAM 2QS M . -0.96 5.74 -1.09
CAM 2QS M . -2.05 6.31 -1.52
CAL 2QS M . -0.58 6.73 0.02
CAL 2QS M . -1.77 7.08 -0.16
CAN 2QS M . 0.77 6.33 0.63
CAN 2QS M . -0.60 6.62 0.73
NAR 2QS M . 1.72 5.93 -0.43
NAR 2QS M . 0.64 6.34 -0.05
CAY 2QS M . 2.69 5.03 -0.21
CAY 2QS M . 1.45 5.29 0.19
OAD 2QS M . 2.81 4.38 0.83
OAD 2QS M . 1.11 4.43 1.01
CBA 2QS M . 3.56 4.68 -1.41
CBA 2QS M . 2.67 5.00 -0.82
CAJ 2QS M . 4.93 4.41 -1.27
CAJ 2QS M . 3.82 4.20 -0.50
CAH 2QS M . 5.69 4.08 -2.39
CAH 2QS M . 4.86 3.94 -1.46
CAZ 2QS M . 5.04 4.02 -3.62
CAZ 2QS M . 4.91 4.38 -2.83
IAG 2QS M . 6.04 3.50 -5.36
IAG 2QS M . 6.55 3.91 -4.37
CAI 2QS M . 3.69 4.26 -3.75
CAI 2QS M . 3.74 5.15 -3.08
CAK 2QS M . 2.95 4.60 -2.63
CAK 2QS M . 2.68 5.45 -2.14
#